data_2WDW
#
_entry.id   2WDW
#
_cell.length_a   66.092
_cell.length_b   66.092
_cell.length_c   790.462
_cell.angle_alpha   90.00
_cell.angle_beta   90.00
_cell.angle_gamma   120.00
#
_symmetry.space_group_name_H-M   'P 61 2 2'
#
loop_
_entity.id
_entity.type
_entity.pdbx_description
1 polymer 'PUTATIVE HEXOSE OXIDASE'
2 non-polymer 'FLAVIN-ADENINE DINUCLEOTIDE'
3 water water
#
_entity_poly.entity_id   1
_entity_poly.type   'polypeptide(L)'
_entity_poly.pdbx_seq_one_letter_code
;MTGGTGADAASAGASSTRPELRGERCLPPAGPVKVTPDDPRYLNLKLRGANSRFNGEPDYIHLVGSTQQVADAVEETVRT
GKRVAVRSGGHCFEDFVDNPDVKVIIDMSLLTEIAYDPSMNAFLIEPGNTLSEVYEKLYLGWNVTIPGGVCGGVGVGGHI
CGGGYGPLSRQFGSVVDYLYAVEVVVVNKQGKARVIVATRERDDPHHDLWWAHTGGGGGNFGVVTKYWMRVPEDVGRNPE
RLLPKPPATLLTSTVTFDWAGMTEAAFSRLLRNHGEWYERNSGPDSPYTGLWSQLMIGNEVPGMGESGFMMPIQVDATRP
DARRLLDAHIEAVIDGVPPAEVPEPIEQRWLASTPGRGGRGPASKTKAGYLRKRLTDRQIQAVYENMTHMDGIDYGAVWL
IGYGGKVNTVDPAATALPQRDAILKVNYITGWANPGNEAKHLTWVRKLYADVYAETGGVPVPNDVSDGAYINYPDSDLAD
PGLNTSGVPWHDLYYKGNHPRLRKVKAAYDPRNHFHHALSIRP
;
_entity_poly.pdbx_strand_id   A,B
#
# COMPACT_ATOMS: atom_id res chain seq x y z
N CYS A 26 -7.04 12.60 -21.55
CA CYS A 26 -7.99 13.12 -20.53
C CYS A 26 -9.29 12.32 -20.51
N LEU A 27 -9.64 11.80 -19.34
CA LEU A 27 -10.76 10.88 -19.18
C LEU A 27 -11.80 11.37 -18.17
N PRO A 28 -13.08 10.98 -18.36
CA PRO A 28 -14.12 11.28 -17.38
C PRO A 28 -13.89 10.55 -16.06
N PRO A 29 -14.29 11.16 -14.93
CA PRO A 29 -14.12 10.50 -13.63
C PRO A 29 -15.07 9.32 -13.45
N ALA A 30 -14.75 8.45 -12.50
CA ALA A 30 -15.62 7.33 -12.15
C ALA A 30 -16.94 7.90 -11.62
N GLY A 31 -18.04 7.55 -12.29
CA GLY A 31 -19.37 8.07 -11.97
C GLY A 31 -19.83 7.76 -10.56
N PRO A 32 -20.92 8.41 -10.12
CA PRO A 32 -21.43 8.19 -8.76
C PRO A 32 -22.00 6.80 -8.60
N VAL A 33 -21.62 6.12 -7.53
CA VAL A 33 -22.16 4.80 -7.21
C VAL A 33 -22.71 4.78 -5.78
N LYS A 34 -24.01 4.50 -5.68
CA LYS A 34 -24.73 4.43 -4.42
C LYS A 34 -24.71 2.98 -3.92
N VAL A 35 -23.84 2.71 -2.95
CA VAL A 35 -23.63 1.35 -2.46
C VAL A 35 -24.59 0.98 -1.34
N THR A 36 -25.66 0.26 -1.71
CA THR A 36 -26.68 -0.19 -0.78
C THR A 36 -26.21 -1.45 -0.02
N PRO A 37 -26.91 -1.82 1.08
CA PRO A 37 -26.52 -3.00 1.87
C PRO A 37 -26.42 -4.32 1.10
N ASP A 38 -27.25 -4.50 0.08
CA ASP A 38 -27.24 -5.72 -0.73
C ASP A 38 -26.09 -5.77 -1.75
N ASP A 39 -25.55 -4.60 -2.09
CA ASP A 39 -24.38 -4.48 -2.96
C ASP A 39 -23.13 -5.05 -2.27
N PRO A 40 -22.34 -5.88 -2.98
CA PRO A 40 -21.20 -6.59 -2.39
C PRO A 40 -20.11 -5.69 -1.79
N ARG A 41 -20.01 -4.45 -2.27
CA ARG A 41 -18.99 -3.52 -1.81
C ARG A 41 -19.28 -2.94 -0.42
N TYR A 42 -20.56 -2.95 -0.04
CA TYR A 42 -21.06 -2.34 1.21
C TYR A 42 -20.21 -2.63 2.44
N LEU A 43 -20.07 -3.90 2.79
CA LEU A 43 -19.38 -4.33 4.01
C LEU A 43 -17.91 -3.87 4.06
N ASN A 44 -17.27 -3.82 2.89
CA ASN A 44 -15.92 -3.29 2.78
C ASN A 44 -15.84 -1.80 3.11
N LEU A 45 -16.77 -1.02 2.57
CA LEU A 45 -16.83 0.41 2.84
C LEU A 45 -17.30 0.74 4.25
N LYS A 46 -18.13 -0.14 4.82
CA LYS A 46 -18.66 0.03 6.16
C LYS A 46 -17.58 -0.17 7.23
N LEU A 47 -16.67 -1.10 6.97
CA LEU A 47 -15.67 -1.52 7.95
C LEU A 47 -14.25 -1.03 7.67
N ARG A 48 -14.10 -0.06 6.77
CA ARG A 48 -12.76 0.42 6.39
C ARG A 48 -12.17 1.46 7.36
N GLY A 49 -12.85 1.68 8.48
CA GLY A 49 -12.33 2.49 9.57
C GLY A 49 -11.24 1.76 10.32
N ALA A 50 -10.21 2.50 10.74
CA ALA A 50 -9.06 1.93 11.45
C ALA A 50 -9.45 1.36 12.81
N ASN A 51 -10.20 2.15 13.59
CA ASN A 51 -10.66 1.72 14.90
C ASN A 51 -11.87 0.79 14.80
N SER A 52 -11.74 -0.41 15.36
CA SER A 52 -12.80 -1.42 15.30
C SER A 52 -13.81 -1.31 16.45
N ARG A 53 -13.68 -0.25 17.25
CA ARG A 53 -14.62 0.05 18.33
C ARG A 53 -15.98 0.46 17.80
N PHE A 54 -15.97 1.14 16.65
CA PHE A 54 -17.17 1.82 16.16
C PHE A 54 -17.76 1.11 14.95
N ASN A 55 -19.05 0.81 15.04
CA ASN A 55 -19.78 0.18 13.95
C ASN A 55 -21.08 0.91 13.61
N GLY A 56 -21.06 1.62 12.49
CA GLY A 56 -22.25 2.28 11.97
C GLY A 56 -22.96 1.39 10.96
N GLU A 57 -24.27 1.58 10.82
CA GLU A 57 -25.06 0.82 9.87
C GLU A 57 -25.82 1.78 8.94
N PRO A 58 -25.10 2.38 7.95
CA PRO A 58 -25.72 3.38 7.09
C PRO A 58 -26.70 2.78 6.09
N ASP A 59 -27.65 3.60 5.62
CA ASP A 59 -28.59 3.20 4.58
C ASP A 59 -27.87 2.90 3.28
N TYR A 60 -26.94 3.79 2.92
CA TYR A 60 -26.05 3.56 1.76
C TYR A 60 -24.73 4.30 1.92
N ILE A 61 -23.73 3.87 1.16
CA ILE A 61 -22.43 4.54 1.12
C ILE A 61 -22.21 5.10 -0.28
N HIS A 62 -22.09 6.42 -0.37
CA HIS A 62 -22.02 7.13 -1.65
C HIS A 62 -20.58 7.34 -2.11
N LEU A 63 -20.14 6.54 -3.07
CA LEU A 63 -18.82 6.71 -3.66
C LEU A 63 -18.82 7.81 -4.71
N VAL A 64 -17.88 8.74 -4.58
CA VAL A 64 -17.81 9.90 -5.46
C VAL A 64 -16.47 10.00 -6.19
N GLY A 65 -16.52 10.51 -7.42
CA GLY A 65 -15.35 10.63 -8.29
C GLY A 65 -15.00 12.04 -8.70
N SER A 66 -15.96 12.96 -8.54
CA SER A 66 -15.74 14.37 -8.86
C SER A 66 -16.45 15.28 -7.86
N THR A 67 -16.10 16.57 -7.89
CA THR A 67 -16.69 17.59 -7.02
C THR A 67 -18.20 17.70 -7.22
N GLN A 68 -18.66 17.61 -8.47
CA GLN A 68 -20.07 17.68 -8.81
C GLN A 68 -20.86 16.50 -8.21
N GLN A 69 -20.25 15.32 -8.24
CA GLN A 69 -20.85 14.12 -7.66
C GLN A 69 -21.05 14.27 -6.15
N VAL A 70 -20.11 14.95 -5.49
CA VAL A 70 -20.20 15.27 -4.07
C VAL A 70 -21.38 16.20 -3.82
N ALA A 71 -21.49 17.25 -4.63
CA ALA A 71 -22.59 18.21 -4.54
C ALA A 71 -23.96 17.54 -4.69
N ASP A 72 -24.05 16.61 -5.62
CA ASP A 72 -25.27 15.83 -5.84
C ASP A 72 -25.55 14.91 -4.66
N ALA A 73 -24.49 14.36 -4.07
CA ALA A 73 -24.60 13.51 -2.88
C ALA A 73 -25.08 14.30 -1.67
N VAL A 74 -24.46 15.46 -1.44
CA VAL A 74 -24.78 16.32 -0.30
C VAL A 74 -26.24 16.81 -0.36
N GLU A 75 -26.67 17.23 -1.55
CA GLU A 75 -28.05 17.70 -1.75
C GLU A 75 -29.08 16.63 -1.44
N GLU A 76 -28.79 15.38 -1.79
CA GLU A 76 -29.69 14.27 -1.54
C GLU A 76 -29.87 14.00 -0.04
N THR A 77 -28.78 14.10 0.71
CA THR A 77 -28.82 13.93 2.17
C THR A 77 -29.64 15.03 2.86
N VAL A 78 -29.60 16.23 2.29
CA VAL A 78 -30.42 17.36 2.75
C VAL A 78 -31.90 17.08 2.44
N ARG A 79 -32.15 16.68 1.20
CA ARG A 79 -33.49 16.42 0.68
C ARG A 79 -34.20 15.27 1.39
N THR A 80 -33.43 14.23 1.73
CA THR A 80 -33.98 13.04 2.38
C THR A 80 -33.93 13.13 3.90
N GLY A 81 -33.16 14.09 4.41
CA GLY A 81 -33.00 14.29 5.85
C GLY A 81 -32.19 13.21 6.52
N LYS A 82 -31.25 12.62 5.77
CA LYS A 82 -30.39 11.56 6.27
C LYS A 82 -29.08 12.13 6.81
N ARG A 83 -28.70 11.66 8.00
CA ARG A 83 -27.47 12.07 8.65
C ARG A 83 -26.25 11.63 7.83
N VAL A 84 -25.43 12.61 7.45
CA VAL A 84 -24.28 12.36 6.59
C VAL A 84 -22.94 12.47 7.33
N ALA A 85 -22.01 11.60 6.98
CA ALA A 85 -20.64 11.65 7.46
C ALA A 85 -19.68 11.40 6.31
N VAL A 86 -18.55 12.11 6.31
CA VAL A 86 -17.53 11.95 5.28
C VAL A 86 -16.45 11.00 5.78
N ARG A 87 -15.77 10.33 4.83
CA ARG A 87 -14.71 9.39 5.14
C ARG A 87 -13.68 9.33 4.03
N SER A 88 -12.41 9.52 4.39
CA SER A 88 -11.30 9.39 3.45
C SER A 88 -10.33 8.29 3.87
N GLY A 89 -9.72 8.45 5.04
CA GLY A 89 -8.78 7.46 5.57
C GLY A 89 -9.42 6.55 6.59
N GLY A 90 -10.47 7.05 7.24
CA GLY A 90 -11.17 6.31 8.29
C GLY A 90 -10.34 6.16 9.56
N HIS A 91 -9.42 7.09 9.78
CA HIS A 91 -8.52 7.03 10.92
C HIS A 91 -9.00 7.90 12.10
N CYS A 92 -10.29 8.17 12.12
CA CYS A 92 -10.92 8.93 13.20
C CYS A 92 -10.89 8.13 14.49
N PHE A 93 -10.42 8.76 15.57
CA PHE A 93 -10.33 8.11 16.88
C PHE A 93 -11.68 8.02 17.59
N GLU A 94 -12.69 8.71 17.06
CA GLU A 94 -14.03 8.68 17.61
C GLU A 94 -15.07 8.17 16.60
N ASP A 95 -16.31 8.09 17.05
CA ASP A 95 -17.40 7.55 16.24
C ASP A 95 -18.05 8.61 15.34
N PHE A 96 -17.24 9.50 14.77
CA PHE A 96 -17.76 10.58 13.93
C PHE A 96 -18.29 10.07 12.61
N VAL A 97 -17.78 8.92 12.17
CA VAL A 97 -18.19 8.29 10.91
C VAL A 97 -18.99 7.01 11.16
N ASP A 98 -18.53 6.21 12.13
CA ASP A 98 -19.15 4.93 12.44
C ASP A 98 -20.01 4.97 13.71
N ASN A 99 -21.26 5.39 13.55
CA ASN A 99 -22.23 5.38 14.65
C ASN A 99 -23.64 5.09 14.15
N PRO A 100 -24.51 4.51 15.02
CA PRO A 100 -25.87 4.11 14.64
C PRO A 100 -26.69 5.20 13.95
N ASP A 101 -26.44 6.46 14.31
CA ASP A 101 -27.21 7.58 13.80
C ASP A 101 -26.84 8.02 12.38
N VAL A 102 -25.62 7.68 11.94
CA VAL A 102 -25.18 8.01 10.59
C VAL A 102 -25.78 7.05 9.56
N LYS A 103 -26.47 7.61 8.57
CA LYS A 103 -27.20 6.82 7.59
C LYS A 103 -26.61 6.92 6.18
N VAL A 104 -25.74 7.90 5.96
CA VAL A 104 -25.05 8.07 4.68
C VAL A 104 -23.56 8.36 4.87
N ILE A 105 -22.72 7.55 4.23
CA ILE A 105 -21.28 7.77 4.22
C ILE A 105 -20.85 8.21 2.82
N ILE A 106 -20.38 9.45 2.69
CA ILE A 106 -19.79 9.90 1.44
C ILE A 106 -18.32 9.48 1.44
N ASP A 107 -18.01 8.49 0.61
CA ASP A 107 -16.70 7.86 0.61
C ASP A 107 -15.81 8.47 -0.47
N MET A 108 -14.68 9.03 -0.05
CA MET A 108 -13.80 9.77 -0.95
C MET A 108 -12.67 8.92 -1.54
N SER A 109 -12.86 7.59 -1.53
CA SER A 109 -11.84 6.64 -1.98
C SER A 109 -11.34 6.85 -3.40
N LEU A 110 -12.22 7.33 -4.27
CA LEU A 110 -11.90 7.50 -5.69
C LEU A 110 -11.18 8.82 -6.00
N LEU A 111 -11.38 9.82 -5.14
CA LEU A 111 -10.74 11.12 -5.32
C LEU A 111 -9.29 11.11 -4.81
N THR A 112 -8.39 10.65 -5.68
CA THR A 112 -6.99 10.42 -5.31
C THR A 112 -5.97 11.09 -6.24
N GLU A 113 -6.20 12.37 -6.53
CA GLU A 113 -5.31 13.12 -7.42
C GLU A 113 -4.18 13.81 -6.64
N ILE A 114 -2.96 13.61 -7.12
CA ILE A 114 -1.78 14.30 -6.58
C ILE A 114 -0.98 14.87 -7.73
N ALA A 115 -1.15 16.17 -8.00
CA ALA A 115 -0.47 16.84 -9.10
C ALA A 115 -0.22 18.32 -8.83
N TYR A 116 0.74 18.90 -9.54
CA TYR A 116 1.00 20.33 -9.48
C TYR A 116 -0.02 21.09 -10.31
N ASP A 117 -0.65 22.08 -9.70
CA ASP A 117 -1.64 22.92 -10.36
C ASP A 117 -1.00 24.23 -10.83
N PRO A 118 -0.90 24.42 -12.16
CA PRO A 118 -0.38 25.67 -12.72
C PRO A 118 -1.28 26.87 -12.43
N SER A 119 -2.60 26.65 -12.40
CA SER A 119 -3.58 27.71 -12.15
C SER A 119 -3.41 28.33 -10.76
N MET A 120 -3.21 27.48 -9.76
CA MET A 120 -3.09 27.90 -8.38
C MET A 120 -1.63 28.14 -7.97
N ASN A 121 -0.71 27.70 -8.81
CA ASN A 121 0.73 27.67 -8.50
C ASN A 121 0.99 26.96 -7.15
N ALA A 122 0.34 25.81 -6.98
CA ALA A 122 0.42 25.01 -5.76
C ALA A 122 0.13 23.55 -6.09
N PHE A 123 0.38 22.67 -5.13
CA PHE A 123 0.12 21.24 -5.32
C PHE A 123 -1.29 20.87 -4.92
N LEU A 124 -2.00 20.21 -5.83
CA LEU A 124 -3.36 19.75 -5.57
C LEU A 124 -3.32 18.35 -4.98
N ILE A 125 -3.80 18.23 -3.74
CA ILE A 125 -3.89 16.93 -3.06
C ILE A 125 -5.34 16.66 -2.66
N GLU A 126 -5.96 15.69 -3.35
CA GLU A 126 -7.35 15.33 -3.10
C GLU A 126 -7.51 14.47 -1.84
N PRO A 127 -8.63 14.64 -1.10
CA PRO A 127 -8.86 14.06 0.23
C PRO A 127 -8.65 12.55 0.34
N GLY A 128 -9.05 11.80 -0.68
CA GLY A 128 -9.00 10.33 -0.66
C GLY A 128 -7.61 9.72 -0.66
N ASN A 129 -6.60 10.56 -0.84
CA ASN A 129 -5.21 10.11 -0.81
C ASN A 129 -4.75 9.72 0.59
N THR A 130 -3.87 8.72 0.65
CA THR A 130 -3.25 8.30 1.90
C THR A 130 -1.95 9.07 2.05
N LEU A 131 -1.54 9.31 3.30
CA LEU A 131 -0.27 10.01 3.55
C LEU A 131 0.91 9.28 2.91
N SER A 132 0.88 7.96 2.97
CA SER A 132 1.89 7.11 2.31
C SER A 132 1.90 7.34 0.80
N GLU A 133 0.72 7.52 0.22
CA GLU A 133 0.59 7.78 -1.22
C GLU A 133 1.01 9.21 -1.58
N VAL A 134 0.84 10.14 -0.65
CA VAL A 134 1.21 11.54 -0.87
C VAL A 134 2.72 11.76 -0.79
N TYR A 135 3.34 11.25 0.27
CA TYR A 135 4.80 11.31 0.42
C TYR A 135 5.49 10.63 -0.76
N GLU A 136 4.92 9.52 -1.22
CA GLU A 136 5.46 8.75 -2.34
C GLU A 136 5.46 9.56 -3.63
N LYS A 137 4.31 10.15 -3.95
CA LYS A 137 4.12 10.89 -5.20
C LYS A 137 4.87 12.23 -5.19
N LEU A 138 4.89 12.88 -4.04
CA LEU A 138 5.59 14.16 -3.87
C LEU A 138 7.10 14.02 -3.92
N TYR A 139 7.62 12.90 -3.41
CA TYR A 139 9.06 12.66 -3.36
C TYR A 139 9.65 12.37 -4.74
N LEU A 140 9.13 11.32 -5.39
CA LEU A 140 9.61 10.90 -6.71
C LEU A 140 9.41 11.97 -7.77
N GLY A 141 8.24 12.63 -7.71
CA GLY A 141 7.84 13.61 -8.71
C GLY A 141 8.60 14.92 -8.69
N TRP A 142 8.64 15.57 -7.53
CA TRP A 142 9.20 16.93 -7.43
C TRP A 142 10.18 17.13 -6.27
N ASN A 143 10.62 16.05 -5.64
CA ASN A 143 11.54 16.11 -4.49
C ASN A 143 11.03 17.02 -3.36
N VAL A 144 9.74 16.90 -3.07
CA VAL A 144 9.10 17.69 -2.01
C VAL A 144 8.31 16.78 -1.06
N THR A 145 7.84 17.37 0.04
CA THR A 145 6.98 16.67 1.00
C THR A 145 6.22 17.67 1.86
N ILE A 146 5.18 17.19 2.54
CA ILE A 146 4.52 17.98 3.58
C ILE A 146 4.77 17.36 4.96
N PRO A 147 5.02 18.20 5.98
CA PRO A 147 5.30 17.73 7.34
C PRO A 147 4.06 17.14 8.02
N GLY A 148 3.53 16.05 7.47
CA GLY A 148 2.33 15.41 7.97
C GLY A 148 2.61 14.26 8.93
N GLY A 149 1.62 13.36 9.04
CA GLY A 149 1.64 12.29 10.02
C GLY A 149 2.72 11.24 9.86
N VAL A 150 3.05 10.59 10.98
CA VAL A 150 4.00 9.49 11.01
C VAL A 150 3.43 8.29 10.25
N CYS A 151 2.15 8.01 10.51
CA CYS A 151 1.47 6.85 9.94
C CYS A 151 1.19 7.00 8.46
N GLY A 152 1.46 5.92 7.72
CA GLY A 152 1.22 5.90 6.27
C GLY A 152 -0.22 5.65 5.90
N GLY A 153 -0.97 5.01 6.82
CA GLY A 153 -2.35 4.62 6.56
C GLY A 153 -3.40 5.71 6.68
N VAL A 154 -3.00 6.87 7.20
CA VAL A 154 -3.92 7.99 7.41
C VAL A 154 -4.28 8.69 6.10
N GLY A 155 -5.56 8.98 5.92
CA GLY A 155 -6.06 9.72 4.76
C GLY A 155 -5.88 11.22 4.89
N VAL A 156 -5.83 11.90 3.75
CA VAL A 156 -5.54 13.33 3.69
C VAL A 156 -6.71 14.21 4.16
N GLY A 157 -7.92 13.84 3.76
CA GLY A 157 -9.12 14.63 4.02
C GLY A 157 -9.29 15.15 5.43
N GLY A 158 -9.25 14.25 6.40
CA GLY A 158 -9.41 14.61 7.81
C GLY A 158 -8.13 15.10 8.46
N HIS A 159 -6.98 14.63 7.94
CA HIS A 159 -5.67 14.91 8.52
C HIS A 159 -5.25 16.37 8.41
N ILE A 160 -5.39 16.97 7.22
CA ILE A 160 -4.91 18.32 6.98
C ILE A 160 -5.75 19.38 7.70
N CYS A 161 -7.07 19.39 7.48
CA CYS A 161 -7.94 20.39 8.10
C CYS A 161 -8.05 20.22 9.62
N GLY A 162 -7.49 19.13 10.14
CA GLY A 162 -7.41 18.91 11.58
C GLY A 162 -6.12 19.44 12.17
N GLY A 163 -5.21 19.89 11.30
CA GLY A 163 -3.93 20.44 11.74
C GLY A 163 -2.83 19.40 11.85
N GLY A 164 -2.65 18.63 10.78
CA GLY A 164 -1.69 17.52 10.75
C GLY A 164 -0.26 17.91 11.07
N TYR A 165 0.41 17.07 11.86
CA TYR A 165 1.81 17.27 12.24
C TYR A 165 2.55 15.94 12.17
N GLY A 166 3.87 15.99 12.28
CA GLY A 166 4.69 14.78 12.28
C GLY A 166 6.14 14.99 12.67
N PRO A 167 7.03 14.10 12.18
CA PRO A 167 8.44 14.10 12.55
C PRO A 167 9.25 15.23 11.90
N LEU A 168 8.68 15.88 10.89
CA LEU A 168 9.34 17.01 10.23
C LEU A 168 8.72 18.36 10.64
N SER A 169 7.73 18.31 11.53
CA SER A 169 7.01 19.51 11.96
C SER A 169 7.87 20.51 12.74
N ARG A 170 8.86 20.01 13.46
CA ARG A 170 9.82 20.86 14.16
C ARG A 170 10.70 21.62 13.17
N GLN A 171 10.81 21.09 11.96
CA GLN A 171 11.68 21.65 10.93
C GLN A 171 10.90 22.49 9.91
N PHE A 172 9.60 22.22 9.77
CA PHE A 172 8.80 22.91 8.75
C PHE A 172 7.46 23.45 9.26
N GLY A 173 6.99 22.93 10.40
CA GLY A 173 5.71 23.36 10.97
C GLY A 173 4.61 22.35 10.73
N SER A 174 3.37 22.73 11.05
CA SER A 174 2.20 21.90 10.75
C SER A 174 1.86 22.02 9.26
N VAL A 175 1.18 21.01 8.72
CA VAL A 175 0.80 21.02 7.30
C VAL A 175 -0.08 22.23 6.94
N VAL A 176 -0.83 22.72 7.94
CA VAL A 176 -1.74 23.85 7.74
C VAL A 176 -1.01 25.15 7.46
N ASP A 177 0.25 25.23 7.87
CA ASP A 177 1.12 26.36 7.56
C ASP A 177 1.51 26.35 6.08
N TYR A 178 1.14 25.27 5.38
CA TYR A 178 1.38 25.13 3.96
C TYR A 178 0.09 25.02 3.16
N LEU A 179 -1.05 25.08 3.86
CA LEU A 179 -2.35 25.07 3.20
C LEU A 179 -2.68 26.43 2.59
N TYR A 180 -2.58 26.52 1.26
CA TYR A 180 -2.87 27.76 0.55
C TYR A 180 -4.37 27.94 0.33
N ALA A 181 -5.02 26.91 -0.22
CA ALA A 181 -6.44 26.98 -0.54
C ALA A 181 -7.17 25.65 -0.32
N VAL A 182 -8.50 25.72 -0.34
CA VAL A 182 -9.36 24.56 -0.12
C VAL A 182 -10.66 24.67 -0.92
N GLU A 183 -11.04 23.59 -1.58
CA GLU A 183 -12.33 23.52 -2.26
C GLU A 183 -13.33 22.75 -1.41
N VAL A 184 -14.38 23.45 -0.99
CA VAL A 184 -15.37 22.89 -0.08
C VAL A 184 -16.77 22.94 -0.68
N VAL A 185 -17.55 21.88 -0.44
CA VAL A 185 -18.96 21.85 -0.79
C VAL A 185 -19.77 22.23 0.45
N VAL A 186 -20.55 23.32 0.34
CA VAL A 186 -21.30 23.84 1.48
C VAL A 186 -22.81 23.92 1.22
N VAL A 187 -23.60 24.00 2.29
CA VAL A 187 -25.05 24.05 2.20
C VAL A 187 -25.58 25.39 2.74
N ASN A 188 -26.31 26.12 1.91
CA ASN A 188 -27.00 27.34 2.34
C ASN A 188 -28.30 27.00 3.09
N LYS A 189 -28.85 27.97 3.80
CA LYS A 189 -30.01 27.75 4.69
C LYS A 189 -31.24 27.10 4.02
N GLN A 190 -31.41 27.35 2.73
CA GLN A 190 -32.51 26.73 1.97
C GLN A 190 -32.28 25.25 1.72
N GLY A 191 -31.01 24.86 1.57
CA GLY A 191 -30.64 23.45 1.47
C GLY A 191 -30.04 23.01 0.16
N LYS A 192 -29.30 23.90 -0.50
CA LYS A 192 -28.64 23.57 -1.77
C LYS A 192 -27.13 23.63 -1.69
N ALA A 193 -26.47 22.79 -2.49
CA ALA A 193 -25.01 22.68 -2.49
C ALA A 193 -24.36 23.85 -3.21
N ARG A 194 -23.14 24.18 -2.78
CA ARG A 194 -22.37 25.26 -3.38
C ARG A 194 -20.88 24.94 -3.27
N VAL A 195 -20.14 25.17 -4.35
CA VAL A 195 -18.70 24.89 -4.37
C VAL A 195 -17.92 26.19 -4.20
N ILE A 196 -17.14 26.26 -3.13
CA ILE A 196 -16.32 27.44 -2.84
C ILE A 196 -14.84 27.10 -2.79
N VAL A 197 -14.04 27.90 -3.49
CA VAL A 197 -12.58 27.81 -3.40
C VAL A 197 -12.07 28.93 -2.49
N ALA A 198 -11.70 28.58 -1.27
CA ALA A 198 -11.26 29.54 -0.26
C ALA A 198 -9.74 29.61 -0.18
N THR A 199 -9.19 30.80 -0.38
CA THR A 199 -7.73 30.98 -0.42
C THR A 199 -7.16 31.67 0.82
N ARG A 200 -5.83 31.70 0.91
CA ARG A 200 -5.09 32.27 2.03
C ARG A 200 -5.14 33.81 2.06
N GLU A 201 -5.11 34.42 0.88
CA GLU A 201 -5.04 35.89 0.75
C GLU A 201 -6.21 36.63 1.39
N ARG A 202 -5.94 37.82 1.91
CA ARG A 202 -6.93 38.59 2.68
C ARG A 202 -8.02 39.22 1.80
N ASP A 203 -7.70 39.50 0.54
CA ASP A 203 -8.66 40.08 -0.39
C ASP A 203 -9.71 39.08 -0.88
N ASP A 204 -9.50 37.80 -0.56
CA ASP A 204 -10.47 36.75 -0.86
C ASP A 204 -11.71 36.92 0.02
N PRO A 205 -12.91 36.90 -0.59
CA PRO A 205 -14.16 37.07 0.16
C PRO A 205 -14.43 35.95 1.18
N HIS A 206 -13.94 34.75 0.88
CA HIS A 206 -14.14 33.59 1.76
C HIS A 206 -12.86 33.21 2.50
N HIS A 207 -12.14 34.22 2.96
CA HIS A 207 -10.90 34.04 3.74
C HIS A 207 -11.16 33.27 5.04
N ASP A 208 -12.34 33.49 5.63
CA ASP A 208 -12.76 32.82 6.85
C ASP A 208 -12.89 31.30 6.69
N LEU A 209 -13.36 30.85 5.52
CA LEU A 209 -13.54 29.43 5.24
C LEU A 209 -12.21 28.69 5.18
N TRP A 210 -11.21 29.33 4.57
CA TRP A 210 -9.84 28.81 4.51
C TRP A 210 -9.27 28.68 5.92
N TRP A 211 -9.44 29.74 6.72
CA TRP A 211 -8.94 29.79 8.08
C TRP A 211 -9.53 28.67 8.95
N ALA A 212 -10.80 28.36 8.72
CA ALA A 212 -11.50 27.30 9.43
C ALA A 212 -10.89 25.92 9.14
N HIS A 213 -10.22 25.80 8.00
CA HIS A 213 -9.61 24.55 7.59
C HIS A 213 -8.10 24.48 7.90
N THR A 214 -7.59 25.49 8.59
CA THR A 214 -6.19 25.49 9.01
C THR A 214 -6.03 24.88 10.42
N GLY A 215 -6.78 23.82 10.67
CA GLY A 215 -6.74 23.12 11.95
C GLY A 215 -8.05 23.13 12.72
N GLY A 216 -9.14 23.40 12.01
CA GLY A 216 -10.46 23.48 12.63
C GLY A 216 -11.17 22.15 12.76
N GLY A 217 -10.57 21.11 12.20
CA GLY A 217 -11.13 19.76 12.27
C GLY A 217 -12.19 19.52 11.21
N GLY A 218 -12.26 18.29 10.72
CA GLY A 218 -13.20 17.93 9.67
C GLY A 218 -14.59 17.59 10.19
N GLY A 219 -15.55 17.59 9.28
CA GLY A 219 -16.94 17.24 9.58
C GLY A 219 -17.73 18.38 10.21
N ASN A 220 -17.35 19.60 9.89
CA ASN A 220 -17.94 20.79 10.49
C ASN A 220 -18.58 21.74 9.48
N PHE A 221 -17.82 22.10 8.45
CA PHE A 221 -18.19 23.20 7.56
C PHE A 221 -18.71 22.71 6.20
N GLY A 222 -18.34 21.48 5.84
CA GLY A 222 -18.75 20.90 4.56
C GLY A 222 -17.78 19.82 4.09
N VAL A 223 -17.95 19.40 2.85
CA VAL A 223 -17.11 18.34 2.28
C VAL A 223 -15.96 18.95 1.47
N VAL A 224 -14.74 18.71 1.93
CA VAL A 224 -13.54 19.15 1.23
C VAL A 224 -13.31 18.25 0.02
N THR A 225 -13.21 18.86 -1.16
CA THR A 225 -12.99 18.11 -2.40
C THR A 225 -11.59 18.28 -2.96
N LYS A 226 -10.89 19.32 -2.49
CA LYS A 226 -9.51 19.59 -2.89
C LYS A 226 -8.73 20.31 -1.79
N TYR A 227 -7.44 19.99 -1.70
CA TYR A 227 -6.49 20.73 -0.87
C TYR A 227 -5.38 21.29 -1.77
N TRP A 228 -5.07 22.57 -1.61
CA TRP A 228 -3.94 23.18 -2.30
C TRP A 228 -2.83 23.53 -1.32
N MET A 229 -1.66 22.92 -1.55
CA MET A 229 -0.53 23.06 -0.63
C MET A 229 0.59 23.89 -1.26
N ARG A 230 1.04 24.90 -0.52
CA ARG A 230 2.03 25.84 -1.03
C ARG A 230 2.78 26.51 0.12
N VAL A 231 4.06 26.77 -0.10
CA VAL A 231 4.86 27.56 0.85
C VAL A 231 4.41 29.03 0.77
N PRO A 232 4.15 29.67 1.93
CA PRO A 232 3.63 31.04 1.98
C PRO A 232 4.45 32.05 1.17
N GLU A 233 5.77 31.96 1.25
CA GLU A 233 6.68 32.90 0.59
C GLU A 233 6.64 32.78 -0.92
N ASP A 234 6.86 33.90 -1.61
CA ASP A 234 6.94 33.93 -3.07
C ASP A 234 8.26 33.29 -3.55
N VAL A 235 8.14 32.09 -4.10
CA VAL A 235 9.31 31.37 -4.62
C VAL A 235 9.20 31.19 -6.15
N GLY A 236 8.40 32.06 -6.78
CA GLY A 236 8.18 32.03 -8.22
C GLY A 236 7.32 30.87 -8.65
N ARG A 237 7.41 30.52 -9.93
CA ARG A 237 6.63 29.43 -10.51
C ARG A 237 7.35 28.09 -10.39
N ASN A 238 8.56 28.10 -9.83
CA ASN A 238 9.38 26.89 -9.68
C ASN A 238 8.78 25.92 -8.65
N PRO A 239 8.28 24.75 -9.11
CA PRO A 239 7.45 23.85 -8.30
C PRO A 239 8.20 23.10 -7.21
N GLU A 240 9.50 22.89 -7.39
CA GLU A 240 10.33 22.17 -6.42
C GLU A 240 10.62 22.99 -5.16
N ARG A 241 10.37 24.29 -5.24
CA ARG A 241 10.50 25.20 -4.09
C ARG A 241 9.19 25.38 -3.32
N LEU A 242 8.08 24.96 -3.92
CA LEU A 242 6.74 25.22 -3.38
C LEU A 242 6.40 24.44 -2.10
N LEU A 243 7.13 23.37 -1.83
CA LEU A 243 6.92 22.57 -0.63
C LEU A 243 8.26 22.16 0.01
N PRO A 244 8.25 21.89 1.33
CA PRO A 244 9.44 21.44 2.07
C PRO A 244 10.24 20.31 1.40
N LYS A 245 11.56 20.48 1.38
CA LYS A 245 12.46 19.46 0.85
C LYS A 245 12.80 18.44 1.93
N PRO A 246 12.43 17.16 1.71
CA PRO A 246 12.71 16.12 2.70
C PRO A 246 14.21 15.85 2.81
N PRO A 247 14.69 15.55 4.03
CA PRO A 247 16.08 15.15 4.19
C PRO A 247 16.36 13.89 3.37
N ALA A 248 17.46 13.90 2.62
CA ALA A 248 17.86 12.75 1.80
C ALA A 248 18.05 11.50 2.67
N THR A 249 18.72 11.68 3.80
CA THR A 249 18.95 10.59 4.76
C THR A 249 18.56 11.00 6.18
N LEU A 250 18.04 10.03 6.93
CA LEU A 250 17.72 10.20 8.34
C LEU A 250 18.62 9.32 9.19
N LEU A 251 19.32 9.94 10.14
CA LEU A 251 20.15 9.20 11.08
C LEU A 251 19.27 8.73 12.24
N THR A 252 18.96 7.44 12.23
CA THR A 252 17.92 6.88 13.12
C THR A 252 18.49 5.97 14.21
N SER A 253 17.88 6.06 15.39
CA SER A 253 18.24 5.22 16.54
C SER A 253 17.03 5.02 17.45
N THR A 254 16.88 3.82 17.98
CA THR A 254 15.80 3.51 18.92
C THR A 254 16.35 2.99 20.25
N VAL A 255 16.09 3.73 21.31
CA VAL A 255 16.57 3.36 22.65
C VAL A 255 15.52 2.52 23.38
N THR A 256 15.93 1.32 23.80
CA THR A 256 15.05 0.40 24.52
C THR A 256 15.23 0.56 26.03
N PHE A 257 14.14 0.41 26.76
CA PHE A 257 14.17 0.43 28.22
C PHE A 257 13.56 -0.84 28.79
N ASP A 258 14.18 -1.36 29.84
CA ASP A 258 13.71 -2.60 30.47
C ASP A 258 12.88 -2.31 31.72
N TRP A 259 11.64 -2.82 31.70
CA TRP A 259 10.71 -2.64 32.82
C TRP A 259 11.21 -3.28 34.11
N ALA A 260 11.83 -4.46 33.99
CA ALA A 260 12.27 -5.25 35.15
C ALA A 260 13.25 -4.51 36.06
N GLY A 261 14.09 -3.66 35.47
CA GLY A 261 15.05 -2.85 36.23
C GLY A 261 14.61 -1.41 36.43
N MET A 262 13.42 -1.08 35.93
CA MET A 262 12.90 0.29 35.97
C MET A 262 12.13 0.57 37.26
N THR A 263 12.82 1.19 38.22
CA THR A 263 12.18 1.61 39.47
C THR A 263 11.55 2.98 39.31
N GLU A 264 10.84 3.44 40.34
CA GLU A 264 10.19 4.75 40.35
C GLU A 264 11.21 5.89 40.19
N ALA A 265 12.34 5.76 40.91
CA ALA A 265 13.41 6.75 40.84
C ALA A 265 14.01 6.84 39.43
N ALA A 266 14.23 5.70 38.82
CA ALA A 266 14.77 5.62 37.46
C ALA A 266 13.76 6.13 36.41
N PHE A 267 12.48 5.90 36.68
CA PHE A 267 11.41 6.34 35.80
C PHE A 267 11.21 7.86 35.87
N SER A 268 11.21 8.38 37.10
CA SER A 268 11.06 9.83 37.32
C SER A 268 12.21 10.61 36.70
N ARG A 269 13.42 10.04 36.77
CA ARG A 269 14.62 10.66 36.21
C ARG A 269 14.54 10.78 34.69
N LEU A 270 14.13 9.70 34.03
CA LEU A 270 14.04 9.66 32.57
C LEU A 270 13.08 10.72 32.02
N LEU A 271 11.86 10.75 32.56
CA LEU A 271 10.84 11.69 32.12
C LEU A 271 11.21 13.13 32.41
N ARG A 272 11.91 13.36 33.53
CA ARG A 272 12.44 14.68 33.86
C ARG A 272 13.52 15.10 32.86
N ASN A 273 14.49 14.20 32.63
CA ASN A 273 15.54 14.43 31.64
C ASN A 273 14.97 14.75 30.26
N HIS A 274 14.04 13.91 29.82
CA HIS A 274 13.38 14.05 28.53
C HIS A 274 12.57 15.34 28.42
N GLY A 275 11.79 15.63 29.45
CA GLY A 275 10.98 16.84 29.51
C GLY A 275 11.80 18.10 29.49
N GLU A 276 12.85 18.12 30.31
CA GLU A 276 13.77 19.26 30.40
C GLU A 276 14.47 19.54 29.07
N TRP A 277 14.82 18.49 28.36
CA TRP A 277 15.51 18.62 27.07
C TRP A 277 14.61 19.31 26.04
N TYR A 278 13.34 18.93 26.01
CA TYR A 278 12.36 19.54 25.11
C TYR A 278 11.94 20.94 25.56
N GLU A 279 12.16 21.26 26.83
CA GLU A 279 11.91 22.61 27.35
C GLU A 279 12.92 23.63 26.80
N ARG A 280 14.11 23.15 26.48
CA ARG A 280 15.22 24.04 26.09
C ARG A 280 15.81 23.75 24.70
N ASN A 281 15.14 22.87 23.94
CA ASN A 281 15.61 22.52 22.59
C ASN A 281 14.50 22.49 21.54
N SER A 282 13.34 23.02 21.90
CA SER A 282 12.22 23.12 20.97
C SER A 282 12.04 24.55 20.46
N GLY A 283 13.15 25.28 20.40
CA GLY A 283 13.15 26.63 19.85
C GLY A 283 12.97 26.65 18.34
N PRO A 284 12.47 27.77 17.80
CA PRO A 284 12.29 27.91 16.35
C PRO A 284 13.63 27.99 15.59
N ASP A 285 14.67 28.50 16.27
CA ASP A 285 15.99 28.65 15.65
C ASP A 285 17.04 27.77 16.34
N SER A 286 16.57 26.71 17.01
CA SER A 286 17.44 25.74 17.65
C SER A 286 18.03 24.77 16.62
N PRO A 287 19.28 24.31 16.83
CA PRO A 287 19.90 23.34 15.93
C PRO A 287 19.29 21.94 16.02
N TYR A 288 18.26 21.79 16.86
CA TYR A 288 17.59 20.50 17.05
C TYR A 288 16.19 20.46 16.40
N THR A 289 15.97 21.34 15.43
CA THR A 289 14.73 21.36 14.65
C THR A 289 14.66 20.15 13.71
N GLY A 290 15.82 19.63 13.32
CA GLY A 290 15.91 18.45 12.48
C GLY A 290 15.83 17.14 13.26
N LEU A 291 15.73 17.24 14.58
CA LEU A 291 15.64 16.07 15.44
C LEU A 291 14.22 15.86 15.97
N TRP A 292 13.75 14.62 15.90
CA TRP A 292 12.43 14.23 16.39
C TRP A 292 12.49 12.89 17.11
N SER A 293 11.78 12.80 18.23
CA SER A 293 11.72 11.57 19.02
C SER A 293 10.47 11.53 19.88
N GLN A 294 9.87 10.34 19.98
CA GLN A 294 8.76 10.11 20.89
C GLN A 294 9.07 9.03 21.91
N LEU A 295 8.81 9.32 23.18
CA LEU A 295 9.06 8.38 24.26
C LEU A 295 7.82 7.52 24.48
N MET A 296 7.89 6.27 24.06
CA MET A 296 6.75 5.36 24.14
C MET A 296 6.81 4.50 25.41
N ILE A 297 6.01 4.88 26.40
CA ILE A 297 5.94 4.16 27.67
C ILE A 297 4.73 3.22 27.67
N GLY A 298 4.99 1.96 27.32
CA GLY A 298 3.93 0.96 27.25
C GLY A 298 4.34 -0.42 27.73
N ASN A 299 3.36 -1.30 27.89
CA ASN A 299 3.62 -2.70 28.27
C ASN A 299 4.06 -3.49 27.04
N GLU A 300 4.78 -4.58 27.28
CA GLU A 300 5.31 -5.41 26.20
C GLU A 300 4.31 -6.46 25.73
N VAL A 301 4.04 -6.45 24.43
CA VAL A 301 3.22 -7.48 23.79
C VAL A 301 4.10 -8.29 22.83
N PRO A 302 4.24 -9.61 23.09
CA PRO A 302 5.14 -10.49 22.34
C PRO A 302 4.94 -10.48 20.81
N GLY A 303 3.70 -10.27 20.37
CA GLY A 303 3.37 -10.28 18.95
C GLY A 303 3.24 -8.89 18.33
N MET A 304 2.55 -8.00 19.05
CA MET A 304 2.30 -6.64 18.57
C MET A 304 3.59 -5.82 18.51
N GLY A 305 3.98 -5.43 17.30
CA GLY A 305 5.12 -4.54 17.09
C GLY A 305 4.78 -3.11 17.41
N GLU A 306 5.80 -2.28 17.59
CA GLU A 306 5.65 -0.86 17.94
C GLU A 306 4.96 -0.70 19.31
N SER A 307 5.43 -1.46 20.29
CA SER A 307 4.90 -1.44 21.66
C SER A 307 6.04 -1.42 22.68
N GLY A 308 5.71 -1.69 23.94
CA GLY A 308 6.71 -1.78 25.02
C GLY A 308 7.29 -0.45 25.42
N PHE A 309 8.49 -0.48 26.00
CA PHE A 309 9.19 0.73 26.43
C PHE A 309 10.32 1.04 25.44
N MET A 310 10.02 1.87 24.45
CA MET A 310 10.99 2.24 23.43
C MET A 310 10.93 3.72 23.10
N MET A 311 12.02 4.24 22.52
CA MET A 311 12.11 5.64 22.13
C MET A 311 12.79 5.77 20.77
N PRO A 312 12.01 5.75 19.68
CA PRO A 312 12.55 6.01 18.34
C PRO A 312 13.01 7.45 18.20
N ILE A 313 14.26 7.63 17.77
CA ILE A 313 14.85 8.96 17.59
C ILE A 313 15.41 9.09 16.17
N GLN A 314 15.07 10.19 15.50
CA GLN A 314 15.59 10.46 14.17
C GLN A 314 16.07 11.90 14.03
N VAL A 315 17.16 12.08 13.28
CA VAL A 315 17.72 13.40 13.03
C VAL A 315 18.08 13.58 11.55
N ASP A 316 17.91 14.82 11.07
CA ASP A 316 18.28 15.19 9.71
C ASP A 316 19.78 14.99 9.52
N ALA A 317 20.14 14.12 8.58
CA ALA A 317 21.54 13.75 8.34
C ALA A 317 22.22 14.59 7.25
N THR A 318 21.52 15.61 6.75
CA THR A 318 22.06 16.51 5.72
C THR A 318 23.27 17.28 6.25
N ARG A 319 23.18 17.75 7.50
CA ARG A 319 24.28 18.46 8.15
C ARG A 319 25.38 17.49 8.57
N PRO A 320 26.66 17.90 8.46
CA PRO A 320 27.78 17.05 8.85
C PRO A 320 27.83 16.76 10.35
N ASP A 321 27.24 17.63 11.16
CA ASP A 321 27.19 17.47 12.61
C ASP A 321 25.90 16.79 13.10
N ALA A 322 25.37 15.90 12.26
CA ALA A 322 24.13 15.19 12.58
C ALA A 322 24.28 14.20 13.73
N ARG A 323 25.46 13.57 13.82
CA ARG A 323 25.70 12.54 14.83
C ARG A 323 25.89 13.12 16.22
N ARG A 324 26.54 14.28 16.31
CA ARG A 324 26.69 14.99 17.58
C ARG A 324 25.35 15.34 18.20
N LEU A 325 24.45 15.87 17.36
CA LEU A 325 23.11 16.27 17.80
C LEU A 325 22.30 15.10 18.34
N LEU A 326 22.42 13.94 17.69
CA LEU A 326 21.73 12.73 18.10
C LEU A 326 22.32 12.20 19.42
N ASP A 327 23.65 12.15 19.49
CA ASP A 327 24.36 11.67 20.67
C ASP A 327 24.11 12.54 21.90
N ALA A 328 24.11 13.86 21.69
CA ALA A 328 23.86 14.82 22.76
C ALA A 328 22.41 14.76 23.26
N HIS A 329 21.51 14.32 22.38
CA HIS A 329 20.10 14.12 22.73
C HIS A 329 19.92 12.90 23.63
N ILE A 330 20.48 11.76 23.21
CA ILE A 330 20.33 10.50 23.94
C ILE A 330 20.89 10.62 25.36
N GLU A 331 22.16 11.00 25.46
CA GLU A 331 22.85 11.05 26.75
C GLU A 331 22.24 12.02 27.77
N ALA A 332 21.56 13.05 27.27
CA ALA A 332 20.82 13.98 28.11
C ALA A 332 19.57 13.33 28.67
N VAL A 333 18.94 12.48 27.86
CA VAL A 333 17.73 11.76 28.23
C VAL A 333 18.05 10.58 29.15
N ILE A 334 19.05 9.77 28.77
CA ILE A 334 19.41 8.58 29.54
C ILE A 334 20.49 8.82 30.62
N ASP A 335 20.63 10.09 31.03
CA ASP A 335 21.59 10.45 32.07
C ASP A 335 21.12 9.93 33.42
N GLY A 336 21.94 9.08 34.04
CA GLY A 336 21.60 8.45 35.31
C GLY A 336 20.42 7.48 35.22
N VAL A 337 20.24 6.89 34.04
CA VAL A 337 19.19 5.92 33.80
C VAL A 337 19.82 4.56 33.45
N PRO A 338 20.01 3.69 34.46
CA PRO A 338 20.61 2.36 34.27
C PRO A 338 19.97 1.48 33.18
N PRO A 339 18.65 1.23 33.23
CA PRO A 339 18.11 0.28 32.27
C PRO A 339 17.79 0.89 30.90
N ALA A 340 18.84 1.24 30.15
CA ALA A 340 18.70 1.81 28.81
C ALA A 340 19.64 1.11 27.83
N GLU A 341 19.10 0.78 26.66
CA GLU A 341 19.87 0.10 25.62
C GLU A 341 20.00 1.01 24.39
N VAL A 342 21.24 1.35 24.05
CA VAL A 342 21.51 2.23 22.92
C VAL A 342 22.28 1.48 21.81
N PRO A 343 21.61 1.16 20.70
CA PRO A 343 22.24 0.55 19.53
C PRO A 343 22.94 1.61 18.67
N GLU A 344 23.73 1.16 17.69
CA GLU A 344 24.43 2.05 16.79
C GLU A 344 23.47 2.70 15.78
N PRO A 345 23.47 4.05 15.72
CA PRO A 345 22.60 4.81 14.82
C PRO A 345 22.82 4.45 13.35
N ILE A 346 21.78 3.88 12.74
CA ILE A 346 21.81 3.52 11.32
C ILE A 346 21.26 4.66 10.47
N GLU A 347 22.04 5.08 9.48
CA GLU A 347 21.63 6.14 8.56
C GLU A 347 20.83 5.54 7.39
N GLN A 348 19.52 5.76 7.40
CA GLN A 348 18.66 5.28 6.33
C GLN A 348 18.05 6.43 5.52
N ARG A 349 17.75 6.16 4.26
CA ARG A 349 17.23 7.17 3.34
C ARG A 349 15.78 7.53 3.63
N TRP A 350 15.30 8.60 2.99
CA TRP A 350 13.91 9.03 3.10
C TRP A 350 13.01 8.07 2.33
N LEU A 351 11.99 7.55 3.01
CA LEU A 351 11.05 6.57 2.47
C LEU A 351 11.73 5.33 1.89
N ALA A 352 12.78 4.86 2.58
CA ALA A 352 13.49 3.64 2.20
C ALA A 352 12.57 2.42 2.35
N SER A 353 11.76 2.44 3.40
CA SER A 353 10.73 1.44 3.63
C SER A 353 9.37 2.10 3.59
N THR A 354 8.47 1.57 2.75
CA THR A 354 7.13 2.12 2.57
C THR A 354 6.21 1.71 3.74
N PRO A 355 5.58 2.70 4.40
CA PRO A 355 4.67 2.44 5.52
C PRO A 355 3.26 2.01 5.09
N GLY A 356 2.36 1.89 6.06
CA GLY A 356 1.01 1.40 5.82
C GLY A 356 0.71 0.23 6.76
N ARG A 357 0.60 0.54 8.05
CA ARG A 357 0.47 -0.45 9.11
C ARG A 357 -0.88 -1.17 9.09
N GLY A 358 -1.01 -2.13 8.16
CA GLY A 358 -2.23 -2.90 7.97
C GLY A 358 -3.41 -2.07 7.47
N GLY A 359 -4.62 -2.57 7.72
CA GLY A 359 -5.84 -1.87 7.36
C GLY A 359 -6.72 -1.67 8.60
N ARG A 360 -7.45 -2.72 8.96
CA ARG A 360 -8.28 -2.71 10.17
C ARG A 360 -7.45 -2.96 11.42
N GLY A 361 -7.35 -1.95 12.27
CA GLY A 361 -6.61 -2.05 13.52
C GLY A 361 -7.46 -2.56 14.67
N PRO A 362 -6.89 -2.60 15.89
CA PRO A 362 -7.63 -3.08 17.05
C PRO A 362 -8.59 -2.03 17.61
N ALA A 363 -9.50 -2.46 18.48
CA ALA A 363 -10.37 -1.54 19.20
C ALA A 363 -9.54 -0.82 20.27
N SER A 364 -9.52 0.50 20.20
CA SER A 364 -8.68 1.29 21.09
C SER A 364 -9.31 2.61 21.52
N LYS A 365 -8.74 3.21 22.57
CA LYS A 365 -9.14 4.53 23.04
C LYS A 365 -7.91 5.33 23.43
N THR A 366 -7.72 6.46 22.76
CA THR A 366 -6.59 7.35 23.05
C THR A 366 -7.06 8.74 23.45
N LYS A 367 -6.48 9.25 24.53
CA LYS A 367 -6.79 10.58 25.05
C LYS A 367 -5.55 11.47 24.93
N ALA A 368 -5.76 12.74 24.58
CA ALA A 368 -4.66 13.63 24.22
C ALA A 368 -4.49 14.83 25.13
N GLY A 369 -3.28 15.40 25.10
CA GLY A 369 -2.96 16.62 25.83
C GLY A 369 -1.74 17.32 25.25
N TYR A 370 -1.67 18.63 25.46
CA TYR A 370 -0.52 19.43 25.04
C TYR A 370 0.42 19.72 26.22
N LEU A 371 1.68 19.99 25.92
CA LEU A 371 2.66 20.34 26.94
C LEU A 371 3.49 21.55 26.54
N ARG A 372 3.43 22.60 27.36
CA ARG A 372 4.26 23.80 27.19
C ARG A 372 5.58 23.61 27.93
N LYS A 373 5.50 23.00 29.10
CA LYS A 373 6.66 22.64 29.90
C LYS A 373 6.59 21.15 30.20
N ARG A 374 7.60 20.62 30.90
CA ARG A 374 7.64 19.20 31.24
C ARG A 374 6.54 18.84 32.25
N LEU A 375 6.19 17.55 32.28
CA LEU A 375 5.23 17.02 33.24
C LEU A 375 5.74 17.23 34.67
N THR A 376 4.87 17.73 35.54
CA THR A 376 5.20 17.95 36.95
C THR A 376 5.52 16.61 37.62
N ASP A 377 6.26 16.67 38.72
CA ASP A 377 6.74 15.46 39.41
C ASP A 377 5.62 14.55 39.88
N ARG A 378 4.49 15.14 40.30
CA ARG A 378 3.32 14.38 40.71
C ARG A 378 2.55 13.79 39.53
N GLN A 379 2.69 14.42 38.36
CA GLN A 379 2.11 13.89 37.12
C GLN A 379 2.90 12.68 36.64
N ILE A 380 4.23 12.78 36.73
CA ILE A 380 5.12 11.66 36.43
C ILE A 380 4.83 10.50 37.39
N GLN A 381 4.59 10.83 38.66
CA GLN A 381 4.20 9.86 39.69
C GLN A 381 2.88 9.17 39.31
N ALA A 382 1.93 9.97 38.82
CA ALA A 382 0.62 9.46 38.39
C ALA A 382 0.73 8.53 37.20
N VAL A 383 1.68 8.81 36.31
CA VAL A 383 1.95 7.95 35.14
C VAL A 383 2.50 6.59 35.59
N TYR A 384 3.54 6.62 36.42
CA TYR A 384 4.18 5.41 36.93
C TYR A 384 3.21 4.51 37.71
N GLU A 385 2.37 5.13 38.55
CA GLU A 385 1.35 4.43 39.33
C GLU A 385 0.43 3.60 38.43
N ASN A 386 -0.09 4.21 37.37
CA ASN A 386 -1.04 3.57 36.48
C ASN A 386 -0.40 2.58 35.50
N MET A 387 0.87 2.82 35.18
CA MET A 387 1.64 1.90 34.34
C MET A 387 2.00 0.63 35.11
N THR A 388 2.17 0.77 36.43
CA THR A 388 2.46 -0.36 37.31
C THR A 388 1.18 -1.17 37.59
N HIS A 389 0.05 -0.47 37.69
CA HIS A 389 -1.24 -1.11 37.99
C HIS A 389 -2.11 -1.20 36.74
N MET A 390 -1.94 -2.28 35.98
CA MET A 390 -2.70 -2.48 34.74
C MET A 390 -3.02 -3.96 34.47
N ASP A 391 -3.72 -4.59 35.42
CA ASP A 391 -4.15 -5.98 35.29
C ASP A 391 -5.32 -6.08 34.31
N GLY A 392 -5.27 -7.08 33.44
CA GLY A 392 -6.30 -7.30 32.43
C GLY A 392 -6.26 -6.31 31.27
N ILE A 393 -5.14 -5.60 31.14
CA ILE A 393 -4.96 -4.64 30.06
C ILE A 393 -4.06 -5.26 28.98
N ASP A 394 -4.61 -5.40 27.78
CA ASP A 394 -3.88 -5.96 26.63
C ASP A 394 -2.75 -5.03 26.22
N TYR A 395 -3.09 -3.77 25.96
CA TYR A 395 -2.11 -2.73 25.66
C TYR A 395 -2.47 -1.42 26.34
N GLY A 396 -1.48 -0.80 26.95
CA GLY A 396 -1.67 0.49 27.64
C GLY A 396 -0.38 1.26 27.62
N ALA A 397 -0.43 2.47 27.05
CA ALA A 397 0.78 3.26 26.84
C ALA A 397 0.59 4.76 27.03
N VAL A 398 1.71 5.45 27.28
CA VAL A 398 1.77 6.91 27.28
C VAL A 398 2.93 7.33 26.39
N TRP A 399 2.61 8.03 25.29
CA TRP A 399 3.64 8.52 24.37
C TRP A 399 3.88 10.02 24.55
N LEU A 400 5.15 10.41 24.52
CA LEU A 400 5.52 11.83 24.55
C LEU A 400 6.15 12.23 23.22
N ILE A 401 5.28 12.65 22.29
CA ILE A 401 5.69 12.97 20.93
C ILE A 401 6.28 14.37 20.83
N GLY A 402 7.42 14.50 20.14
CA GLY A 402 8.11 15.78 19.98
C GLY A 402 7.35 16.77 19.12
N TYR A 403 7.33 18.02 19.57
CA TYR A 403 6.60 19.09 18.89
C TYR A 403 7.32 20.43 19.05
N GLY A 404 6.77 21.47 18.42
CA GLY A 404 7.33 22.82 18.51
C GLY A 404 8.23 23.17 17.35
N GLY A 405 9.30 23.92 17.64
CA GLY A 405 10.26 24.33 16.63
C GLY A 405 9.66 25.31 15.64
N LYS A 406 9.61 24.91 14.37
CA LYS A 406 9.09 25.75 13.30
C LYS A 406 7.58 25.99 13.42
N VAL A 407 6.91 25.16 14.21
CA VAL A 407 5.49 25.35 14.54
C VAL A 407 5.30 26.65 15.32
N ASN A 408 6.17 26.88 16.31
CA ASN A 408 6.06 28.03 17.21
C ASN A 408 6.58 29.35 16.62
N THR A 409 6.44 29.51 15.31
CA THR A 409 6.76 30.77 14.64
C THR A 409 5.47 31.49 14.25
N VAL A 410 4.40 30.72 14.15
CA VAL A 410 3.09 31.21 13.73
C VAL A 410 2.29 31.71 14.94
N ASP A 411 1.49 32.76 14.73
CA ASP A 411 0.63 33.32 15.75
C ASP A 411 -0.50 32.35 16.11
N PRO A 412 -0.83 32.22 17.41
CA PRO A 412 -1.94 31.38 17.87
C PRO A 412 -3.28 31.65 17.16
N ALA A 413 -3.45 32.86 16.64
CA ALA A 413 -4.69 33.27 15.98
C ALA A 413 -4.61 33.24 14.44
N ALA A 414 -3.39 33.21 13.91
CA ALA A 414 -3.15 33.21 12.45
C ALA A 414 -3.75 31.98 11.76
N THR A 415 -3.68 30.83 12.42
CA THR A 415 -4.33 29.61 11.95
C THR A 415 -5.40 29.18 12.95
N ALA A 416 -6.10 28.09 12.64
CA ALA A 416 -7.14 27.57 13.53
C ALA A 416 -6.54 26.83 14.75
N LEU A 417 -5.27 26.45 14.65
CA LEU A 417 -4.56 25.83 15.76
C LEU A 417 -4.05 26.90 16.73
N PRO A 418 -4.59 26.91 17.97
CA PRO A 418 -4.17 27.89 18.97
C PRO A 418 -2.84 27.56 19.66
N GLN A 419 -2.51 26.27 19.76
CA GLN A 419 -1.32 25.82 20.48
C GLN A 419 -0.04 26.01 19.67
N ARG A 420 0.47 27.23 19.67
CA ARG A 420 1.71 27.57 18.97
C ARG A 420 2.81 27.85 20.00
N ASP A 421 2.75 27.10 21.10
CA ASP A 421 3.59 27.33 22.26
C ASP A 421 4.11 26.00 22.83
N ALA A 422 3.56 24.91 22.31
CA ALA A 422 3.81 23.57 22.83
C ALA A 422 5.19 23.02 22.47
N ILE A 423 5.71 22.15 23.33
CA ILE A 423 7.00 21.49 23.13
C ILE A 423 6.85 19.98 22.98
N LEU A 424 5.73 19.46 23.50
CA LEU A 424 5.43 18.02 23.45
C LEU A 424 3.94 17.75 23.33
N LYS A 425 3.60 16.74 22.54
CA LYS A 425 2.24 16.22 22.49
C LYS A 425 2.20 14.88 23.21
N VAL A 426 1.31 14.76 24.18
CA VAL A 426 1.24 13.55 25.01
C VAL A 426 -0.09 12.81 24.84
N ASN A 427 0.01 11.54 24.47
CA ASN A 427 -1.15 10.68 24.27
C ASN A 427 -1.24 9.59 25.34
N TYR A 428 -2.47 9.24 25.71
CA TYR A 428 -2.72 8.18 26.69
C TYR A 428 -3.57 7.12 26.01
N ILE A 429 -2.95 5.98 25.70
CA ILE A 429 -3.56 4.98 24.83
C ILE A 429 -3.82 3.65 25.55
N THR A 430 -4.95 3.03 25.21
CA THR A 430 -5.24 1.65 25.62
C THR A 430 -5.83 0.85 24.46
N GLY A 431 -5.43 -0.41 24.35
CA GLY A 431 -5.92 -1.30 23.29
C GLY A 431 -6.38 -2.63 23.81
N TRP A 432 -7.35 -3.23 23.12
CA TRP A 432 -7.91 -4.53 23.53
C TRP A 432 -8.40 -5.36 22.36
N ALA A 433 -8.15 -6.67 22.43
CA ALA A 433 -8.52 -7.61 21.37
C ALA A 433 -10.01 -7.95 21.41
N ASN A 434 -10.54 -8.13 22.61
CA ASN A 434 -11.94 -8.52 22.79
C ASN A 434 -12.83 -7.37 23.25
N PRO A 435 -13.93 -7.11 22.53
CA PRO A 435 -14.90 -6.05 22.85
C PRO A 435 -15.55 -6.22 24.22
N GLY A 436 -15.48 -7.42 24.79
CA GLY A 436 -16.02 -7.70 26.11
C GLY A 436 -15.30 -6.98 27.23
N ASN A 437 -14.03 -6.68 27.01
CA ASN A 437 -13.20 -5.99 28.01
C ASN A 437 -13.05 -4.49 27.74
N GLU A 438 -13.95 -3.93 26.94
CA GLU A 438 -13.92 -2.51 26.58
C GLU A 438 -13.98 -1.60 27.81
N ALA A 439 -14.95 -1.87 28.69
CA ALA A 439 -15.15 -1.08 29.90
C ALA A 439 -13.96 -1.18 30.85
N LYS A 440 -13.37 -2.38 30.95
CA LYS A 440 -12.19 -2.63 31.77
C LYS A 440 -11.02 -1.73 31.38
N HIS A 441 -10.79 -1.60 30.07
CA HIS A 441 -9.71 -0.78 29.54
C HIS A 441 -10.02 0.71 29.65
N LEU A 442 -11.28 1.08 29.37
CA LEU A 442 -11.72 2.47 29.45
C LEU A 442 -11.50 3.06 30.84
N THR A 443 -11.82 2.29 31.88
CA THR A 443 -11.62 2.69 33.27
C THR A 443 -10.17 3.03 33.55
N TRP A 444 -9.26 2.22 33.00
CA TRP A 444 -7.82 2.39 33.22
C TRP A 444 -7.25 3.65 32.57
N VAL A 445 -7.60 3.86 31.30
CA VAL A 445 -7.09 5.01 30.54
C VAL A 445 -7.70 6.32 31.04
N ARG A 446 -8.94 6.26 31.53
CA ARG A 446 -9.62 7.40 32.11
C ARG A 446 -9.09 7.70 33.51
N LYS A 447 -8.69 6.64 34.21
CA LYS A 447 -8.05 6.77 35.53
C LYS A 447 -6.65 7.38 35.38
N LEU A 448 -5.94 6.99 34.33
CA LEU A 448 -4.65 7.55 34.00
C LEU A 448 -4.78 9.05 33.72
N TYR A 449 -5.74 9.39 32.86
CA TYR A 449 -6.00 10.76 32.44
C TYR A 449 -6.43 11.66 33.59
N ALA A 450 -7.32 11.16 34.44
CA ALA A 450 -7.84 11.93 35.57
C ALA A 450 -6.83 12.09 36.70
N ASP A 451 -5.91 11.13 36.84
CA ASP A 451 -4.85 11.21 37.84
C ASP A 451 -3.78 12.23 37.46
N VAL A 452 -3.43 12.27 36.17
CA VAL A 452 -2.42 13.20 35.67
C VAL A 452 -2.89 14.65 35.77
N TYR A 453 -4.09 14.92 35.26
CA TYR A 453 -4.63 16.28 35.27
C TYR A 453 -5.61 16.50 36.43
N ALA A 454 -5.30 15.89 37.57
CA ALA A 454 -6.17 15.93 38.75
C ALA A 454 -6.37 17.33 39.32
N GLU A 455 -5.31 18.14 39.29
CA GLU A 455 -5.35 19.49 39.85
C GLU A 455 -6.19 20.46 39.01
N THR A 456 -6.30 20.18 37.72
CA THR A 456 -7.12 20.99 36.81
C THR A 456 -8.39 20.25 36.36
N GLY A 457 -9.06 19.61 37.31
CA GLY A 457 -10.37 18.99 37.09
C GLY A 457 -10.40 17.80 36.13
N GLY A 458 -9.29 17.08 36.04
CA GLY A 458 -9.22 15.86 35.23
C GLY A 458 -8.82 16.05 33.78
N VAL A 459 -8.79 17.30 33.33
CA VAL A 459 -8.45 17.63 31.94
C VAL A 459 -7.31 18.65 31.84
N PRO A 460 -6.52 18.61 30.74
CA PRO A 460 -5.40 19.52 30.54
C PRO A 460 -5.83 20.96 30.26
N VAL A 461 -6.33 21.65 31.29
CA VAL A 461 -6.73 23.05 31.19
C VAL A 461 -5.48 23.89 30.92
N PRO A 462 -5.52 24.75 29.87
CA PRO A 462 -4.42 25.65 29.54
C PRO A 462 -3.75 26.25 30.78
N ASN A 463 -2.45 26.01 30.91
CA ASN A 463 -1.72 26.29 32.14
C ASN A 463 -0.28 26.69 31.79
N ASP A 464 0.61 26.63 32.79
CA ASP A 464 2.04 26.76 32.54
C ASP A 464 2.62 25.44 32.06
N VAL A 465 1.87 24.35 32.27
CA VAL A 465 2.28 23.02 31.85
C VAL A 465 1.46 22.54 30.64
N SER A 466 0.13 22.56 30.79
CA SER A 466 -0.78 22.12 29.71
C SER A 466 -1.22 23.27 28.83
N ASP A 467 -1.62 22.96 27.60
CA ASP A 467 -2.11 23.97 26.66
C ASP A 467 -3.44 23.56 26.02
N GLY A 468 -3.89 22.35 26.33
CA GLY A 468 -5.17 21.85 25.84
C GLY A 468 -5.07 20.56 25.07
N ALA A 469 -5.94 20.39 24.08
CA ALA A 469 -6.01 19.16 23.28
C ALA A 469 -5.95 19.42 21.77
N TYR A 470 -5.75 18.34 21.01
CA TYR A 470 -5.54 18.41 19.57
C TYR A 470 -6.67 17.67 18.84
N ILE A 471 -7.33 18.39 17.92
CA ILE A 471 -8.59 17.92 17.32
C ILE A 471 -8.49 16.66 16.43
N ASN A 472 -7.29 16.37 15.91
CA ASN A 472 -7.07 15.11 15.19
C ASN A 472 -6.97 13.91 16.12
N TYR A 473 -6.86 14.18 17.43
CA TYR A 473 -7.00 13.15 18.45
C TYR A 473 -8.27 13.43 19.26
N PRO A 474 -9.45 13.18 18.67
CA PRO A 474 -10.69 13.56 19.36
C PRO A 474 -11.00 12.70 20.58
N ASP A 475 -11.63 13.31 21.57
CA ASP A 475 -11.96 12.64 22.83
C ASP A 475 -13.34 13.12 23.29
N SER A 476 -14.35 12.28 23.08
CA SER A 476 -15.73 12.63 23.44
C SER A 476 -15.97 12.65 24.96
N ASP A 477 -14.98 12.15 25.70
CA ASP A 477 -15.00 12.20 27.16
C ASP A 477 -14.87 13.63 27.68
N LEU A 478 -14.23 14.48 26.89
CA LEU A 478 -14.04 15.89 27.25
C LEU A 478 -15.34 16.67 27.19
N ALA A 479 -16.32 16.14 26.45
CA ALA A 479 -17.65 16.74 26.36
C ALA A 479 -18.64 16.12 27.36
N ASP A 480 -18.27 14.95 27.88
CA ASP A 480 -19.08 14.24 28.87
C ASP A 480 -18.87 14.87 30.25
N PRO A 481 -19.97 15.23 30.93
CA PRO A 481 -19.88 15.86 32.27
C PRO A 481 -19.36 14.91 33.34
N GLY A 482 -19.48 13.60 33.11
CA GLY A 482 -19.01 12.59 34.05
C GLY A 482 -17.51 12.34 34.01
N LEU A 483 -16.88 12.70 32.89
CA LEU A 483 -15.44 12.50 32.71
C LEU A 483 -14.64 13.81 32.75
N ASN A 484 -15.35 14.93 32.63
CA ASN A 484 -14.74 16.25 32.73
C ASN A 484 -15.32 17.02 33.91
N THR A 485 -14.71 16.83 35.08
CA THR A 485 -15.19 17.41 36.33
C THR A 485 -15.01 18.92 36.43
N SER A 486 -14.01 19.45 35.74
CA SER A 486 -13.78 20.90 35.68
C SER A 486 -14.85 21.58 34.83
N GLY A 487 -15.04 22.88 35.05
CA GLY A 487 -16.07 23.65 34.34
C GLY A 487 -15.71 23.98 32.89
N VAL A 488 -14.46 23.73 32.52
CA VAL A 488 -13.94 24.03 31.19
C VAL A 488 -14.51 23.05 30.14
N PRO A 489 -15.25 23.59 29.14
CA PRO A 489 -15.87 22.75 28.10
C PRO A 489 -14.85 22.21 27.10
N TRP A 490 -15.28 21.23 26.30
CA TRP A 490 -14.41 20.55 25.34
C TRP A 490 -13.83 21.50 24.27
N HIS A 491 -14.66 22.42 23.79
CA HIS A 491 -14.29 23.31 22.69
C HIS A 491 -13.26 24.37 23.08
N ASP A 492 -13.19 24.67 24.37
CA ASP A 492 -12.17 25.57 24.90
C ASP A 492 -10.82 24.87 25.00
N LEU A 493 -10.86 23.56 25.22
CA LEU A 493 -9.65 22.75 25.32
C LEU A 493 -8.94 22.56 23.97
N TYR A 494 -9.74 22.38 22.92
CA TYR A 494 -9.21 22.19 21.57
C TYR A 494 -8.84 23.49 20.87
N TYR A 495 -9.73 24.49 20.97
CA TYR A 495 -9.63 25.69 20.14
C TYR A 495 -9.20 26.96 20.85
N LYS A 496 -9.34 26.99 22.18
CA LYS A 496 -8.99 28.15 23.00
C LYS A 496 -9.61 29.46 22.47
N GLY A 497 -8.77 30.46 22.23
CA GLY A 497 -9.24 31.77 21.77
C GLY A 497 -9.72 31.81 20.32
N ASN A 498 -9.43 30.75 19.57
CA ASN A 498 -9.87 30.64 18.18
C ASN A 498 -11.34 30.18 18.05
N HIS A 499 -11.91 29.69 19.14
CA HIS A 499 -13.27 29.14 19.15
C HIS A 499 -14.38 30.12 18.72
N PRO A 500 -14.42 31.34 19.30
CA PRO A 500 -15.43 32.32 18.90
C PRO A 500 -15.48 32.58 17.38
N ARG A 501 -14.31 32.57 16.74
CA ARG A 501 -14.22 32.78 15.29
C ARG A 501 -14.75 31.57 14.52
N LEU A 502 -14.55 30.37 15.05
CA LEU A 502 -14.97 29.13 14.40
C LEU A 502 -16.49 28.95 14.36
N ARG A 503 -17.17 29.44 15.40
CA ARG A 503 -18.62 29.44 15.45
C ARG A 503 -19.17 30.42 14.40
N LYS A 504 -18.47 31.53 14.24
CA LYS A 504 -18.79 32.57 13.26
C LYS A 504 -18.70 32.03 11.84
N VAL A 505 -17.72 31.17 11.59
CA VAL A 505 -17.56 30.50 10.30
C VAL A 505 -18.63 29.41 10.12
N LYS A 506 -18.85 28.64 11.18
CA LYS A 506 -19.84 27.56 11.18
C LYS A 506 -21.24 28.05 10.83
N ALA A 507 -21.67 29.15 11.46
CA ALA A 507 -23.00 29.73 11.23
C ALA A 507 -23.14 30.33 9.84
N ALA A 508 -22.02 30.71 9.23
CA ALA A 508 -22.00 31.35 7.91
C ALA A 508 -22.06 30.36 6.75
N TYR A 509 -21.39 29.22 6.89
CA TYR A 509 -21.24 28.26 5.79
C TYR A 509 -22.04 26.97 5.97
N ASP A 510 -22.45 26.69 7.21
CA ASP A 510 -23.30 25.54 7.51
C ASP A 510 -24.41 25.93 8.50
N PRO A 511 -25.34 26.82 8.06
CA PRO A 511 -26.38 27.31 8.98
C PRO A 511 -27.42 26.25 9.32
N ARG A 512 -27.54 25.22 8.48
CA ARG A 512 -28.48 24.12 8.72
C ARG A 512 -27.91 23.07 9.66
N ASN A 513 -26.65 23.26 10.07
CA ASN A 513 -25.93 22.30 10.92
C ASN A 513 -26.04 20.88 10.37
N HIS A 514 -25.81 20.77 9.06
CA HIS A 514 -25.99 19.51 8.34
C HIS A 514 -24.81 18.56 8.55
N PHE A 515 -23.64 19.13 8.78
CA PHE A 515 -22.43 18.36 9.06
C PHE A 515 -22.11 18.48 10.54
N HIS A 516 -22.29 17.38 11.26
CA HIS A 516 -22.05 17.36 12.70
C HIS A 516 -21.68 15.97 13.23
N HIS A 517 -21.07 15.97 14.42
CA HIS A 517 -20.75 14.75 15.15
C HIS A 517 -20.68 15.04 16.66
N ALA A 518 -20.10 14.12 17.41
CA ALA A 518 -20.00 14.23 18.87
C ALA A 518 -19.26 15.50 19.31
N LEU A 519 -18.20 15.84 18.59
CA LEU A 519 -17.39 17.03 18.88
C LEU A 519 -17.43 18.05 17.74
N SER A 520 -18.64 18.34 17.25
CA SER A 520 -18.82 19.34 16.20
C SER A 520 -19.00 20.73 16.80
N ILE A 521 -18.59 21.75 16.06
CA ILE A 521 -18.75 23.14 16.49
C ILE A 521 -20.22 23.54 16.44
N ARG A 522 -20.72 24.05 17.56
CA ARG A 522 -22.13 24.45 17.69
C ARG A 522 -22.31 25.95 17.88
N PRO A 523 -23.08 26.60 16.99
CA PRO A 523 -23.35 28.03 17.06
C PRO A 523 -24.47 28.36 18.04
N CYS B 26 -8.39 18.09 -15.81
CA CYS B 26 -7.13 17.45 -16.29
C CYS B 26 -5.93 18.39 -16.18
N LEU B 27 -5.17 18.24 -15.10
CA LEU B 27 -3.94 18.99 -14.90
C LEU B 27 -2.79 18.30 -15.65
N PRO B 28 -1.87 19.10 -16.24
CA PRO B 28 -0.70 18.57 -16.95
C PRO B 28 0.05 17.50 -16.15
N PRO B 29 0.57 16.47 -16.84
CA PRO B 29 1.22 15.33 -16.17
C PRO B 29 2.52 15.70 -15.48
N ALA B 30 2.93 14.89 -14.50
CA ALA B 30 4.19 15.07 -13.80
C ALA B 30 5.37 15.09 -14.77
N GLY B 31 6.09 16.21 -14.78
CA GLY B 31 7.20 16.43 -15.71
C GLY B 31 8.29 15.37 -15.65
N PRO B 32 9.06 15.21 -16.74
CA PRO B 32 10.09 14.17 -16.80
C PRO B 32 11.29 14.52 -15.93
N VAL B 33 11.48 13.76 -14.85
CA VAL B 33 12.63 13.93 -13.98
C VAL B 33 13.69 12.87 -14.27
N LYS B 34 14.89 13.35 -14.59
CA LYS B 34 16.02 12.51 -14.96
C LYS B 34 16.92 12.32 -13.73
N VAL B 35 16.73 11.19 -13.06
CA VAL B 35 17.37 10.94 -11.76
C VAL B 35 18.82 10.47 -11.91
N THR B 36 19.75 11.40 -11.68
CA THR B 36 21.19 11.12 -11.73
C THR B 36 21.68 10.45 -10.44
N PRO B 37 22.93 9.94 -10.43
CA PRO B 37 23.42 9.16 -9.28
C PRO B 37 23.55 9.95 -7.98
N ASP B 38 23.80 11.25 -8.08
CA ASP B 38 23.96 12.12 -6.90
C ASP B 38 22.62 12.64 -6.35
N ASP B 39 21.54 12.34 -7.07
CA ASP B 39 20.18 12.72 -6.69
C ASP B 39 19.71 11.89 -5.48
N PRO B 40 19.07 12.55 -4.49
CA PRO B 40 18.55 11.89 -3.29
C PRO B 40 17.58 10.72 -3.56
N ARG B 41 17.00 10.69 -4.75
CA ARG B 41 16.02 9.66 -5.12
C ARG B 41 16.66 8.41 -5.69
N TYR B 42 17.86 8.56 -6.26
CA TYR B 42 18.54 7.50 -7.01
C TYR B 42 18.49 6.09 -6.39
N LEU B 43 18.95 5.97 -5.15
CA LEU B 43 19.06 4.67 -4.48
C LEU B 43 17.70 4.00 -4.24
N ASN B 44 16.68 4.80 -3.94
CA ASN B 44 15.30 4.29 -3.83
C ASN B 44 14.80 3.70 -5.14
N LEU B 45 15.01 4.42 -6.24
CA LEU B 45 14.59 3.97 -7.56
C LEU B 45 15.48 2.85 -8.11
N LYS B 46 16.70 2.77 -7.60
CA LYS B 46 17.66 1.75 -8.03
C LYS B 46 17.34 0.40 -7.39
N LEU B 47 16.91 0.44 -6.13
CA LEU B 47 16.72 -0.77 -5.34
C LEU B 47 15.26 -1.17 -5.15
N ARG B 48 14.36 -0.60 -5.95
CA ARG B 48 12.94 -0.93 -5.81
C ARG B 48 12.53 -2.20 -6.58
N GLY B 49 13.52 -2.96 -7.03
CA GLY B 49 13.28 -4.29 -7.57
C GLY B 49 12.97 -5.24 -6.43
N ALA B 50 12.14 -6.25 -6.71
CA ALA B 50 11.71 -7.19 -5.69
C ALA B 50 12.81 -8.17 -5.27
N ASN B 51 13.45 -8.79 -6.26
CA ASN B 51 14.50 -9.78 -5.99
C ASN B 51 15.85 -9.11 -5.73
N SER B 52 16.37 -9.32 -4.53
CA SER B 52 17.60 -8.66 -4.08
C SER B 52 18.88 -9.42 -4.44
N ARG B 53 18.78 -10.33 -5.41
CA ARG B 53 19.96 -11.01 -5.94
C ARG B 53 20.57 -10.16 -7.04
N PHE B 54 19.74 -9.30 -7.64
CA PHE B 54 20.14 -8.51 -8.80
C PHE B 54 20.45 -7.07 -8.42
N ASN B 55 21.61 -6.60 -8.86
CA ASN B 55 22.02 -5.21 -8.70
C ASN B 55 22.36 -4.56 -10.04
N GLY B 56 22.25 -3.23 -10.09
CA GLY B 56 22.58 -2.47 -11.28
C GLY B 56 23.06 -1.08 -10.92
N GLU B 57 23.94 -0.53 -11.75
CA GLU B 57 24.45 0.81 -11.55
C GLU B 57 24.22 1.67 -12.80
N PRO B 58 22.97 2.10 -13.04
CA PRO B 58 22.67 2.89 -14.22
C PRO B 58 23.21 4.32 -14.14
N ASP B 59 23.37 4.96 -15.29
CA ASP B 59 23.79 6.36 -15.36
C ASP B 59 22.69 7.26 -14.80
N TYR B 60 21.45 7.00 -15.22
CA TYR B 60 20.29 7.70 -14.68
C TYR B 60 19.02 6.87 -14.79
N ILE B 61 18.06 7.16 -13.90
CA ILE B 61 16.74 6.53 -13.95
C ILE B 61 15.70 7.57 -14.39
N HIS B 62 15.09 7.30 -15.54
CA HIS B 62 14.17 8.24 -16.16
C HIS B 62 12.74 8.01 -15.70
N LEU B 63 12.23 8.92 -14.85
CA LEU B 63 10.84 8.91 -14.44
C LEU B 63 9.98 9.64 -15.48
N VAL B 64 8.92 8.97 -15.92
CA VAL B 64 8.03 9.51 -16.96
C VAL B 64 6.59 9.64 -16.47
N GLY B 65 5.91 10.68 -16.94
CA GLY B 65 4.54 10.97 -16.51
C GLY B 65 3.50 10.84 -17.61
N SER B 66 3.95 10.80 -18.86
CA SER B 66 3.07 10.69 -20.02
C SER B 66 3.73 9.93 -21.16
N THR B 67 2.93 9.53 -22.14
CA THR B 67 3.39 8.77 -23.31
C THR B 67 4.46 9.54 -24.11
N GLN B 68 4.29 10.85 -24.21
CA GLN B 68 5.24 11.72 -24.92
C GLN B 68 6.61 11.73 -24.21
N GLN B 69 6.58 11.75 -22.89
CA GLN B 69 7.80 11.73 -22.08
C GLN B 69 8.58 10.42 -22.22
N VAL B 70 7.85 9.32 -22.45
CA VAL B 70 8.45 8.02 -22.71
C VAL B 70 9.20 8.03 -24.04
N ALA B 71 8.52 8.47 -25.10
CA ALA B 71 9.08 8.54 -26.45
C ALA B 71 10.36 9.38 -26.51
N ASP B 72 10.36 10.50 -25.80
CA ASP B 72 11.51 11.40 -25.74
C ASP B 72 12.68 10.76 -25.00
N ALA B 73 12.36 10.01 -23.95
CA ALA B 73 13.37 9.30 -23.16
C ALA B 73 14.00 8.15 -23.93
N VAL B 74 13.19 7.47 -24.75
CA VAL B 74 13.66 6.37 -25.59
C VAL B 74 14.62 6.88 -26.68
N GLU B 75 14.28 8.04 -27.26
CA GLU B 75 15.12 8.65 -28.29
C GLU B 75 16.44 9.18 -27.75
N GLU B 76 16.43 9.64 -26.50
CA GLU B 76 17.65 10.09 -25.84
C GLU B 76 18.63 8.94 -25.65
N THR B 77 18.09 7.77 -25.31
CA THR B 77 18.88 6.55 -25.15
C THR B 77 19.40 6.02 -26.49
N VAL B 78 18.69 6.32 -27.56
CA VAL B 78 19.16 6.03 -28.91
C VAL B 78 20.32 6.96 -29.26
N ARG B 79 20.15 8.25 -28.98
CA ARG B 79 21.17 9.26 -29.27
C ARG B 79 22.46 9.02 -28.48
N THR B 80 22.31 8.72 -27.18
CA THR B 80 23.46 8.43 -26.31
C THR B 80 24.00 7.01 -26.52
N GLY B 81 23.17 6.13 -27.07
CA GLY B 81 23.55 4.74 -27.31
C GLY B 81 23.49 3.88 -26.05
N LYS B 82 22.91 4.44 -24.99
CA LYS B 82 22.81 3.75 -23.71
C LYS B 82 21.78 2.63 -23.73
N ARG B 83 22.16 1.48 -23.19
CA ARG B 83 21.28 0.32 -23.01
C ARG B 83 20.12 0.69 -22.09
N VAL B 84 18.90 0.34 -22.49
CA VAL B 84 17.71 0.73 -21.73
C VAL B 84 16.90 -0.47 -21.21
N ALA B 85 16.19 -0.25 -20.09
CA ALA B 85 15.30 -1.23 -19.50
C ALA B 85 14.13 -0.54 -18.81
N VAL B 86 12.93 -1.08 -19.00
CA VAL B 86 11.72 -0.51 -18.41
C VAL B 86 11.41 -1.18 -17.06
N ARG B 87 10.72 -0.45 -16.17
CA ARG B 87 10.35 -0.97 -14.86
C ARG B 87 9.00 -0.44 -14.38
N SER B 88 8.10 -1.34 -13.99
CA SER B 88 6.80 -0.96 -13.41
C SER B 88 6.70 -1.32 -11.93
N GLY B 89 6.70 -2.62 -11.63
CA GLY B 89 6.64 -3.09 -10.26
C GLY B 89 7.95 -3.64 -9.75
N GLY B 90 8.89 -3.88 -10.67
CA GLY B 90 10.21 -4.40 -10.33
C GLY B 90 10.20 -5.86 -9.92
N HIS B 91 9.14 -6.57 -10.26
CA HIS B 91 8.95 -7.96 -9.86
C HIS B 91 9.46 -8.97 -10.89
N CYS B 92 10.56 -8.63 -11.56
CA CYS B 92 11.19 -9.55 -12.49
C CYS B 92 12.00 -10.60 -11.74
N PHE B 93 11.78 -11.86 -12.09
CA PHE B 93 12.52 -12.97 -11.48
C PHE B 93 13.91 -13.17 -12.11
N GLU B 94 14.30 -12.24 -12.97
CA GLU B 94 15.61 -12.27 -13.61
C GLU B 94 16.33 -10.92 -13.56
N ASP B 95 17.54 -10.87 -14.13
CA ASP B 95 18.36 -9.67 -14.13
C ASP B 95 18.07 -8.75 -15.32
N PHE B 96 16.83 -8.78 -15.81
CA PHE B 96 16.45 -8.01 -16.99
C PHE B 96 16.56 -6.50 -16.76
N VAL B 97 16.19 -6.06 -15.56
CA VAL B 97 16.22 -4.64 -15.21
C VAL B 97 17.49 -4.31 -14.42
N ASP B 98 17.80 -5.13 -13.42
CA ASP B 98 18.94 -4.88 -12.53
C ASP B 98 20.18 -5.69 -12.92
N ASN B 99 20.94 -5.19 -13.89
CA ASN B 99 22.22 -5.78 -14.27
C ASN B 99 23.23 -4.68 -14.66
N PRO B 100 24.54 -4.95 -14.48
CA PRO B 100 25.58 -3.94 -14.69
C PRO B 100 25.59 -3.30 -16.09
N ASP B 101 25.15 -4.05 -17.10
CA ASP B 101 25.14 -3.57 -18.49
C ASP B 101 24.08 -2.51 -18.77
N VAL B 102 22.96 -2.58 -18.06
CA VAL B 102 21.87 -1.61 -18.21
C VAL B 102 22.28 -0.26 -17.63
N LYS B 103 22.18 0.78 -18.46
CA LYS B 103 22.65 2.11 -18.08
C LYS B 103 21.51 3.12 -17.87
N VAL B 104 20.32 2.80 -18.37
CA VAL B 104 19.15 3.66 -18.20
C VAL B 104 17.92 2.82 -17.81
N ILE B 105 17.31 3.20 -16.69
CA ILE B 105 16.03 2.62 -16.29
C ILE B 105 14.93 3.63 -16.63
N ILE B 106 13.87 3.17 -17.29
CA ILE B 106 12.68 3.99 -17.48
C ILE B 106 11.64 3.53 -16.45
N ASP B 107 11.42 4.37 -15.44
CA ASP B 107 10.54 4.03 -14.33
C ASP B 107 9.13 4.57 -14.56
N MET B 108 8.15 3.68 -14.47
CA MET B 108 6.76 4.01 -14.80
C MET B 108 5.90 4.35 -13.58
N SER B 109 6.54 4.52 -12.42
CA SER B 109 5.85 4.77 -11.14
C SER B 109 4.80 5.87 -11.19
N LEU B 110 5.05 6.90 -12.01
CA LEU B 110 4.15 8.04 -12.11
C LEU B 110 2.92 7.77 -12.98
N LEU B 111 3.04 6.81 -13.89
CA LEU B 111 1.94 6.45 -14.79
C LEU B 111 0.99 5.44 -14.14
N THR B 112 0.09 5.95 -13.30
CA THR B 112 -0.81 5.11 -12.51
C THR B 112 -2.29 5.48 -12.71
N GLU B 113 -2.73 5.46 -13.96
CA GLU B 113 -4.10 5.82 -14.31
C GLU B 113 -4.98 4.57 -14.44
N ILE B 114 -6.15 4.61 -13.80
CA ILE B 114 -7.13 3.52 -13.90
C ILE B 114 -8.53 4.10 -14.06
N ALA B 115 -8.90 4.44 -15.29
CA ALA B 115 -10.22 5.02 -15.58
C ALA B 115 -10.88 4.36 -16.77
N TYR B 116 -12.19 4.56 -16.90
CA TYR B 116 -12.94 4.06 -18.04
C TYR B 116 -12.72 4.94 -19.27
N ASP B 117 -12.41 4.31 -20.39
CA ASP B 117 -12.12 5.00 -21.64
C ASP B 117 -13.28 4.80 -22.64
N PRO B 118 -14.12 5.85 -22.82
CA PRO B 118 -15.26 5.79 -23.73
C PRO B 118 -14.86 5.67 -25.21
N SER B 119 -13.69 6.19 -25.57
CA SER B 119 -13.19 6.10 -26.95
C SER B 119 -12.98 4.64 -27.38
N MET B 120 -12.33 3.87 -26.51
CA MET B 120 -12.07 2.45 -26.77
C MET B 120 -13.24 1.58 -26.33
N ASN B 121 -14.08 2.13 -25.45
CA ASN B 121 -15.11 1.36 -24.73
C ASN B 121 -14.47 0.21 -23.94
N ALA B 122 -13.38 0.53 -23.26
CA ALA B 122 -12.60 -0.44 -22.48
C ALA B 122 -11.92 0.24 -21.29
N PHE B 123 -11.37 -0.55 -20.37
CA PHE B 123 -10.71 -0.02 -19.18
C PHE B 123 -9.24 0.30 -19.41
N LEU B 124 -8.91 1.58 -19.34
CA LEU B 124 -7.54 2.04 -19.49
C LEU B 124 -6.77 1.81 -18.19
N ILE B 125 -5.78 0.92 -18.25
CA ILE B 125 -4.91 0.66 -17.12
C ILE B 125 -3.45 0.92 -17.51
N GLU B 126 -2.82 1.88 -16.85
CA GLU B 126 -1.44 2.24 -17.13
C GLU B 126 -0.45 1.32 -16.38
N PRO B 127 0.73 1.06 -16.99
CA PRO B 127 1.71 0.09 -16.53
C PRO B 127 2.20 0.26 -15.09
N GLY B 128 2.41 1.49 -14.66
CA GLY B 128 3.00 1.78 -13.34
C GLY B 128 2.14 1.39 -12.15
N ASN B 129 0.90 0.96 -12.42
CA ASN B 129 -0.04 0.55 -11.39
C ASN B 129 0.35 -0.76 -10.69
N THR B 130 0.29 -0.74 -9.36
CA THR B 130 0.45 -1.93 -8.53
C THR B 130 -0.84 -2.76 -8.64
N LEU B 131 -0.69 -4.08 -8.79
CA LEU B 131 -1.85 -4.99 -8.91
C LEU B 131 -2.90 -4.81 -7.82
N SER B 132 -2.43 -4.64 -6.58
CA SER B 132 -3.31 -4.40 -5.43
C SER B 132 -4.18 -3.16 -5.65
N GLU B 133 -3.59 -2.12 -6.23
CA GLU B 133 -4.30 -0.87 -6.54
C GLU B 133 -5.33 -1.06 -7.65
N VAL B 134 -5.01 -1.93 -8.61
CA VAL B 134 -5.88 -2.18 -9.76
C VAL B 134 -7.17 -2.89 -9.33
N TYR B 135 -7.03 -3.98 -8.57
CA TYR B 135 -8.19 -4.70 -8.05
C TYR B 135 -9.04 -3.79 -7.18
N GLU B 136 -8.37 -2.94 -6.40
CA GLU B 136 -9.03 -2.04 -5.45
C GLU B 136 -9.91 -1.01 -6.16
N LYS B 137 -9.39 -0.42 -7.23
CA LYS B 137 -10.09 0.64 -7.96
C LYS B 137 -11.16 0.06 -8.90
N LEU B 138 -10.84 -1.04 -9.57
CA LEU B 138 -11.80 -1.75 -10.43
C LEU B 138 -13.00 -2.29 -9.65
N TYR B 139 -12.76 -2.73 -8.42
CA TYR B 139 -13.81 -3.26 -7.56
C TYR B 139 -14.71 -2.15 -7.02
N LEU B 140 -14.09 -1.10 -6.49
CA LEU B 140 -14.84 0.04 -5.93
C LEU B 140 -15.62 0.81 -6.99
N GLY B 141 -14.97 1.06 -8.13
CA GLY B 141 -15.53 1.90 -9.19
C GLY B 141 -16.63 1.28 -10.02
N TRP B 142 -16.47 0.01 -10.39
CA TRP B 142 -17.38 -0.63 -11.34
C TRP B 142 -17.76 -2.08 -10.99
N ASN B 143 -17.28 -2.56 -9.84
CA ASN B 143 -17.48 -3.95 -9.40
C ASN B 143 -16.96 -4.97 -10.43
N VAL B 144 -15.78 -4.68 -10.97
CA VAL B 144 -15.13 -5.54 -11.96
C VAL B 144 -13.71 -5.91 -11.53
N THR B 145 -13.09 -6.85 -12.25
CA THR B 145 -11.73 -7.28 -11.95
C THR B 145 -11.07 -7.95 -13.17
N ILE B 146 -9.76 -8.11 -13.12
CA ILE B 146 -9.04 -8.91 -14.10
C ILE B 146 -8.40 -10.13 -13.42
N PRO B 147 -8.48 -11.32 -14.06
CA PRO B 147 -7.98 -12.56 -13.44
C PRO B 147 -6.45 -12.67 -13.45
N GLY B 148 -5.80 -11.87 -12.60
CA GLY B 148 -4.34 -11.80 -12.57
C GLY B 148 -3.72 -12.22 -11.26
N GLY B 149 -2.47 -11.80 -11.06
CA GLY B 149 -1.61 -12.27 -9.96
C GLY B 149 -2.11 -12.10 -8.54
N VAL B 150 -1.59 -12.95 -7.66
CA VAL B 150 -1.92 -12.94 -6.23
C VAL B 150 -1.16 -11.83 -5.52
N CYS B 151 0.12 -11.69 -5.88
CA CYS B 151 1.01 -10.71 -5.26
C CYS B 151 0.52 -9.29 -5.47
N GLY B 152 0.54 -8.50 -4.41
CA GLY B 152 0.06 -7.11 -4.45
C GLY B 152 0.94 -6.19 -5.26
N GLY B 153 2.21 -6.09 -4.87
CA GLY B 153 3.16 -5.13 -5.44
C GLY B 153 3.66 -5.40 -6.86
N VAL B 154 3.03 -6.34 -7.55
CA VAL B 154 3.38 -6.64 -8.94
C VAL B 154 2.83 -5.56 -9.88
N GLY B 155 3.71 -4.98 -10.68
CA GLY B 155 3.34 -3.94 -11.62
C GLY B 155 2.58 -4.46 -12.82
N VAL B 156 1.65 -3.66 -13.30
CA VAL B 156 0.82 -3.99 -14.46
C VAL B 156 1.66 -4.15 -15.73
N GLY B 157 2.68 -3.32 -15.87
CA GLY B 157 3.54 -3.29 -17.06
C GLY B 157 4.01 -4.65 -17.54
N GLY B 158 4.78 -5.34 -16.69
CA GLY B 158 5.34 -6.64 -17.05
C GLY B 158 4.33 -7.77 -16.94
N HIS B 159 3.31 -7.59 -16.11
CA HIS B 159 2.36 -8.65 -15.79
C HIS B 159 1.44 -9.04 -16.93
N ILE B 160 0.79 -8.06 -17.56
CA ILE B 160 -0.23 -8.32 -18.59
C ILE B 160 0.38 -8.84 -19.90
N CYS B 161 1.42 -8.17 -20.40
CA CYS B 161 2.06 -8.57 -21.65
C CYS B 161 2.83 -9.89 -21.53
N GLY B 162 3.01 -10.35 -20.28
CA GLY B 162 3.64 -11.63 -20.00
C GLY B 162 2.65 -12.76 -19.77
N GLY B 163 1.37 -12.48 -20.01
CA GLY B 163 0.31 -13.48 -19.86
C GLY B 163 -0.07 -13.76 -18.42
N GLY B 164 -0.31 -12.70 -17.65
CA GLY B 164 -0.63 -12.80 -16.23
C GLY B 164 -1.81 -13.68 -15.89
N TYR B 165 -1.70 -14.39 -14.78
CA TYR B 165 -2.75 -15.28 -14.30
C TYR B 165 -2.84 -15.24 -12.78
N GLY B 166 -3.94 -15.75 -12.24
CA GLY B 166 -4.12 -15.83 -10.79
C GLY B 166 -5.15 -16.86 -10.37
N PRO B 167 -5.81 -16.64 -9.22
CA PRO B 167 -6.80 -17.57 -8.68
C PRO B 167 -8.05 -17.69 -9.56
N LEU B 168 -8.50 -16.55 -10.08
CA LEU B 168 -9.72 -16.48 -10.88
C LEU B 168 -9.53 -16.92 -12.34
N SER B 169 -8.30 -17.32 -12.68
CA SER B 169 -7.95 -17.73 -14.05
C SER B 169 -8.68 -18.98 -14.52
N ARG B 170 -8.99 -19.87 -13.59
CA ARG B 170 -9.73 -21.10 -13.92
C ARG B 170 -11.19 -20.81 -14.29
N GLN B 171 -11.69 -19.64 -13.87
CA GLN B 171 -13.07 -19.25 -14.16
C GLN B 171 -13.17 -18.14 -15.21
N PHE B 172 -12.06 -17.45 -15.47
CA PHE B 172 -12.08 -16.30 -16.38
C PHE B 172 -10.99 -16.32 -17.44
N GLY B 173 -9.98 -17.17 -17.25
CA GLY B 173 -8.84 -17.24 -18.18
C GLY B 173 -7.73 -16.33 -17.75
N SER B 174 -6.78 -16.09 -18.67
CA SER B 174 -5.68 -15.17 -18.41
C SER B 174 -6.13 -13.72 -18.59
N VAL B 175 -5.31 -12.78 -18.15
CA VAL B 175 -5.60 -11.35 -18.34
C VAL B 175 -5.55 -10.97 -19.83
N VAL B 176 -4.75 -11.71 -20.60
CA VAL B 176 -4.56 -11.47 -22.03
C VAL B 176 -5.80 -11.83 -22.85
N ASP B 177 -6.68 -12.64 -22.28
CA ASP B 177 -7.96 -12.96 -22.89
C ASP B 177 -8.90 -11.76 -22.81
N TYR B 178 -8.49 -10.76 -22.03
CA TYR B 178 -9.26 -9.52 -21.87
C TYR B 178 -8.53 -8.29 -22.44
N LEU B 179 -7.31 -8.49 -22.92
CA LEU B 179 -6.55 -7.42 -23.55
C LEU B 179 -7.14 -7.06 -24.92
N TYR B 180 -7.81 -5.90 -24.97
CA TYR B 180 -8.42 -5.41 -26.21
C TYR B 180 -7.41 -4.63 -27.03
N ALA B 181 -6.75 -3.66 -26.39
CA ALA B 181 -5.78 -2.81 -27.08
C ALA B 181 -4.55 -2.53 -26.23
N VAL B 182 -3.51 -1.99 -26.88
CA VAL B 182 -2.25 -1.66 -26.22
C VAL B 182 -1.58 -0.46 -26.89
N GLU B 183 -1.07 0.46 -26.09
CA GLU B 183 -0.30 1.58 -26.60
C GLU B 183 1.19 1.30 -26.39
N VAL B 184 1.94 1.28 -27.49
CA VAL B 184 3.36 0.92 -27.47
C VAL B 184 4.19 2.01 -28.12
N VAL B 185 5.35 2.29 -27.52
CA VAL B 185 6.34 3.19 -28.11
C VAL B 185 7.45 2.34 -28.73
N VAL B 186 7.53 2.38 -30.06
CA VAL B 186 8.49 1.55 -30.81
C VAL B 186 9.56 2.38 -31.51
N VAL B 187 10.60 1.70 -32.00
CA VAL B 187 11.73 2.36 -32.66
C VAL B 187 11.97 1.77 -34.06
N ASN B 188 11.86 2.61 -35.09
CA ASN B 188 12.22 2.23 -36.46
C ASN B 188 13.73 2.23 -36.64
N LYS B 189 14.22 1.63 -37.72
CA LYS B 189 15.66 1.35 -37.88
C LYS B 189 16.57 2.59 -37.96
N GLN B 190 15.96 3.77 -38.07
CA GLN B 190 16.71 5.03 -38.06
C GLN B 190 16.85 5.61 -36.64
N GLY B 191 16.17 4.98 -35.69
CA GLY B 191 16.29 5.35 -34.28
C GLY B 191 15.28 6.34 -33.76
N LYS B 192 14.13 6.42 -34.43
CA LYS B 192 13.08 7.36 -34.06
C LYS B 192 11.92 6.71 -33.32
N ALA B 193 11.37 7.43 -32.36
CA ALA B 193 10.22 6.94 -31.59
C ALA B 193 8.92 7.13 -32.37
N ARG B 194 8.00 6.19 -32.19
CA ARG B 194 6.70 6.22 -32.85
C ARG B 194 5.67 5.54 -31.96
N VAL B 195 4.62 6.28 -31.59
CA VAL B 195 3.57 5.78 -30.72
C VAL B 195 2.51 5.06 -31.55
N ILE B 196 2.28 3.78 -31.23
CA ILE B 196 1.30 2.97 -31.95
C ILE B 196 0.25 2.40 -31.00
N VAL B 197 -1.02 2.50 -31.42
CA VAL B 197 -2.12 1.88 -30.68
C VAL B 197 -2.61 0.65 -31.46
N ALA B 198 -2.30 -0.53 -30.91
CA ALA B 198 -2.65 -1.80 -31.54
C ALA B 198 -3.87 -2.43 -30.86
N THR B 199 -4.83 -2.89 -31.66
CA THR B 199 -6.08 -3.44 -31.13
C THR B 199 -6.29 -4.91 -31.50
N ARG B 200 -7.29 -5.52 -30.85
CA ARG B 200 -7.68 -6.92 -31.08
C ARG B 200 -8.33 -7.13 -32.45
N GLU B 201 -8.96 -6.07 -32.96
CA GLU B 201 -9.74 -6.13 -34.20
C GLU B 201 -8.94 -6.62 -35.42
N ARG B 202 -9.62 -7.37 -36.29
CA ARG B 202 -9.01 -8.03 -37.44
C ARG B 202 -8.38 -7.05 -38.43
N ASP B 203 -9.11 -5.97 -38.74
CA ASP B 203 -8.68 -5.01 -39.75
C ASP B 203 -7.51 -4.12 -39.32
N ASP B 204 -7.23 -4.08 -38.02
CA ASP B 204 -6.16 -3.24 -37.48
C ASP B 204 -4.81 -3.59 -38.11
N PRO B 205 -4.13 -2.57 -38.70
CA PRO B 205 -2.85 -2.74 -39.37
C PRO B 205 -1.73 -3.20 -38.44
N HIS B 206 -1.99 -3.13 -37.13
CA HIS B 206 -1.02 -3.55 -36.13
C HIS B 206 -1.61 -4.63 -35.21
N HIS B 207 -2.39 -5.55 -35.79
CA HIS B 207 -2.94 -6.69 -35.06
C HIS B 207 -1.82 -7.56 -34.48
N ASP B 208 -0.71 -7.65 -35.20
CA ASP B 208 0.45 -8.43 -34.78
C ASP B 208 1.08 -7.90 -33.50
N LEU B 209 1.10 -6.57 -33.36
CA LEU B 209 1.66 -5.90 -32.19
C LEU B 209 0.81 -6.16 -30.95
N TRP B 210 -0.51 -6.24 -31.14
CA TRP B 210 -1.44 -6.62 -30.08
C TRP B 210 -1.21 -8.07 -29.66
N TRP B 211 -1.09 -8.96 -30.66
CA TRP B 211 -0.88 -10.38 -30.43
C TRP B 211 0.45 -10.63 -29.72
N ALA B 212 1.43 -9.77 -30.00
CA ALA B 212 2.74 -9.85 -29.36
C ALA B 212 2.65 -9.64 -27.85
N HIS B 213 1.65 -8.87 -27.41
CA HIS B 213 1.48 -8.56 -25.99
C HIS B 213 0.44 -9.43 -25.30
N THR B 214 0.03 -10.52 -25.95
CA THR B 214 -0.88 -11.48 -25.35
C THR B 214 -0.13 -12.68 -24.74
N GLY B 215 1.02 -12.38 -24.14
CA GLY B 215 1.86 -13.40 -23.50
C GLY B 215 3.27 -13.46 -24.03
N GLY B 216 3.65 -12.49 -24.85
CA GLY B 216 4.97 -12.47 -25.49
C GLY B 216 6.11 -12.06 -24.59
N GLY B 217 5.78 -11.52 -23.41
CA GLY B 217 6.78 -11.08 -22.45
C GLY B 217 7.19 -9.64 -22.64
N GLY B 218 7.60 -8.99 -21.55
CA GLY B 218 8.00 -7.60 -21.59
C GLY B 218 9.46 -7.40 -21.94
N GLY B 219 9.79 -6.19 -22.36
CA GLY B 219 11.17 -5.81 -22.69
C GLY B 219 11.61 -6.24 -24.07
N ASN B 220 10.63 -6.52 -24.94
CA ASN B 220 10.92 -7.02 -26.28
C ASN B 220 10.63 -6.00 -27.39
N PHE B 221 9.35 -5.67 -27.56
CA PHE B 221 8.87 -4.94 -28.74
C PHE B 221 8.92 -3.41 -28.58
N GLY B 222 8.84 -2.94 -27.33
CA GLY B 222 8.86 -1.52 -27.03
C GLY B 222 8.26 -1.22 -25.67
N VAL B 223 8.20 0.06 -25.32
CA VAL B 223 7.66 0.47 -24.03
C VAL B 223 6.14 0.56 -24.06
N VAL B 224 5.49 -0.26 -23.24
CA VAL B 224 4.04 -0.23 -23.11
C VAL B 224 3.64 0.95 -22.22
N THR B 225 2.84 1.85 -22.78
CA THR B 225 2.43 3.05 -22.06
C THR B 225 0.97 3.00 -21.58
N LYS B 226 0.16 2.18 -22.24
CA LYS B 226 -1.24 1.99 -21.88
C LYS B 226 -1.75 0.60 -22.21
N TYR B 227 -2.62 0.07 -21.36
CA TYR B 227 -3.35 -1.16 -21.63
C TYR B 227 -4.84 -0.84 -21.70
N TRP B 228 -5.57 -1.62 -22.50
CA TRP B 228 -7.03 -1.54 -22.55
C TRP B 228 -7.65 -2.90 -22.35
N MET B 229 -8.41 -3.04 -21.27
CA MET B 229 -8.99 -4.32 -20.87
C MET B 229 -10.50 -4.34 -21.15
N ARG B 230 -10.95 -5.42 -21.78
CA ARG B 230 -12.33 -5.54 -22.24
C ARG B 230 -12.72 -7.01 -22.48
N VAL B 231 -13.97 -7.34 -22.19
CA VAL B 231 -14.52 -8.67 -22.50
C VAL B 231 -14.72 -8.80 -24.02
N PRO B 232 -14.30 -9.94 -24.61
CA PRO B 232 -14.46 -10.21 -26.04
C PRO B 232 -15.89 -10.06 -26.56
N GLU B 233 -16.88 -10.50 -25.78
CA GLU B 233 -18.29 -10.40 -26.16
C GLU B 233 -18.75 -8.95 -26.26
N ASP B 234 -19.65 -8.68 -27.20
CA ASP B 234 -20.29 -7.37 -27.32
C ASP B 234 -21.31 -7.23 -26.20
N VAL B 235 -21.01 -6.36 -25.24
CA VAL B 235 -21.85 -6.17 -24.06
C VAL B 235 -22.47 -4.77 -23.98
N GLY B 236 -22.22 -3.97 -25.01
CA GLY B 236 -22.71 -2.59 -25.06
C GLY B 236 -21.71 -1.60 -24.51
N ARG B 237 -22.22 -0.43 -24.11
CA ARG B 237 -21.38 0.66 -23.61
C ARG B 237 -21.24 0.66 -22.09
N ASN B 238 -22.04 -0.19 -21.43
CA ASN B 238 -22.07 -0.28 -19.97
C ASN B 238 -20.74 -0.79 -19.38
N PRO B 239 -20.05 0.06 -18.59
CA PRO B 239 -18.72 -0.26 -18.05
C PRO B 239 -18.70 -1.42 -17.07
N GLU B 240 -19.81 -1.62 -16.34
CA GLU B 240 -19.93 -2.70 -15.36
C GLU B 240 -19.91 -4.09 -16.00
N ARG B 241 -20.18 -4.13 -17.30
CA ARG B 241 -20.21 -5.37 -18.08
C ARG B 241 -18.88 -5.68 -18.79
N LEU B 242 -18.03 -4.67 -18.93
CA LEU B 242 -16.80 -4.78 -19.73
C LEU B 242 -15.74 -5.73 -19.18
N LEU B 243 -15.80 -6.03 -17.89
CA LEU B 243 -14.86 -6.96 -17.26
C LEU B 243 -15.59 -7.91 -16.29
N PRO B 244 -14.96 -9.07 -16.00
CA PRO B 244 -15.52 -10.04 -15.06
C PRO B 244 -15.88 -9.44 -13.71
N LYS B 245 -17.06 -9.76 -13.21
CA LYS B 245 -17.48 -9.36 -11.87
C LYS B 245 -16.94 -10.39 -10.87
N PRO B 246 -16.06 -9.94 -9.95
CA PRO B 246 -15.45 -10.84 -8.96
C PRO B 246 -16.49 -11.40 -8.00
N PRO B 247 -16.18 -12.56 -7.37
CA PRO B 247 -17.07 -13.12 -6.34
C PRO B 247 -17.34 -12.13 -5.22
N ALA B 248 -18.57 -12.12 -4.71
CA ALA B 248 -18.93 -11.27 -3.58
C ALA B 248 -18.18 -11.71 -2.32
N THR B 249 -18.19 -13.01 -2.06
CA THR B 249 -17.41 -13.61 -0.97
C THR B 249 -16.64 -14.82 -1.47
N LEU B 250 -15.60 -15.20 -0.71
CA LEU B 250 -14.82 -16.40 -0.99
C LEU B 250 -14.76 -17.30 0.23
N LEU B 251 -14.82 -18.61 -0.01
CA LEU B 251 -14.69 -19.59 1.06
C LEU B 251 -13.26 -20.12 1.07
N THR B 252 -12.53 -19.82 2.15
CA THR B 252 -11.09 -20.08 2.22
C THR B 252 -10.72 -21.12 3.29
N SER B 253 -9.67 -21.89 2.98
CA SER B 253 -9.10 -22.86 3.92
C SER B 253 -7.63 -23.11 3.59
N THR B 254 -6.81 -23.29 4.63
CA THR B 254 -5.38 -23.55 4.46
C THR B 254 -4.99 -24.85 5.18
N VAL B 255 -4.82 -25.91 4.40
CA VAL B 255 -4.44 -27.22 4.92
C VAL B 255 -2.94 -27.26 5.19
N THR B 256 -2.59 -27.42 6.47
CA THR B 256 -1.20 -27.51 6.89
C THR B 256 -0.76 -28.97 6.90
N PHE B 257 0.49 -29.21 6.54
CA PHE B 257 1.06 -30.56 6.59
C PHE B 257 2.27 -30.60 7.53
N ASP B 258 2.34 -31.64 8.35
CA ASP B 258 3.44 -31.81 9.29
C ASP B 258 4.54 -32.67 8.67
N TRP B 259 5.75 -32.11 8.61
CA TRP B 259 6.92 -32.81 8.10
C TRP B 259 7.35 -33.98 9.00
N ALA B 260 6.94 -33.92 10.27
CA ALA B 260 7.29 -34.93 11.27
C ALA B 260 6.72 -36.31 10.96
N GLY B 261 5.54 -36.35 10.36
CA GLY B 261 4.90 -37.59 9.96
C GLY B 261 4.85 -37.76 8.46
N MET B 262 5.73 -37.05 7.75
CA MET B 262 5.73 -37.07 6.29
C MET B 262 6.76 -38.05 5.73
N THR B 263 6.37 -39.31 5.67
CA THR B 263 7.21 -40.36 5.08
C THR B 263 7.12 -40.33 3.56
N GLU B 264 7.92 -41.16 2.90
CA GLU B 264 7.95 -41.23 1.44
C GLU B 264 6.62 -41.72 0.87
N ALA B 265 6.00 -42.67 1.56
CA ALA B 265 4.71 -43.22 1.15
C ALA B 265 3.57 -42.19 1.25
N ALA B 266 3.57 -41.43 2.35
CA ALA B 266 2.56 -40.39 2.59
C ALA B 266 2.73 -39.21 1.62
N PHE B 267 3.98 -38.89 1.30
CA PHE B 267 4.30 -37.80 0.37
C PHE B 267 3.86 -38.13 -1.06
N SER B 268 4.21 -39.34 -1.51
CA SER B 268 3.85 -39.82 -2.85
C SER B 268 2.33 -39.88 -3.02
N ARG B 269 1.64 -40.34 -1.98
CA ARG B 269 0.19 -40.41 -1.95
C ARG B 269 -0.43 -39.02 -2.18
N LEU B 270 0.07 -38.02 -1.45
CA LEU B 270 -0.44 -36.66 -1.51
C LEU B 270 -0.31 -36.04 -2.90
N LEU B 271 0.90 -36.08 -3.45
CA LEU B 271 1.18 -35.50 -4.76
C LEU B 271 0.46 -36.22 -5.90
N ARG B 272 0.26 -37.53 -5.73
CA ARG B 272 -0.55 -38.30 -6.67
C ARG B 272 -2.03 -37.93 -6.58
N ASN B 273 -2.52 -37.77 -5.35
CA ASN B 273 -3.90 -37.33 -5.11
C ASN B 273 -4.17 -35.95 -5.70
N HIS B 274 -3.29 -35.00 -5.38
CA HIS B 274 -3.38 -33.62 -5.86
C HIS B 274 -3.19 -33.54 -7.37
N GLY B 275 -2.27 -34.34 -7.90
CA GLY B 275 -2.01 -34.38 -9.33
C GLY B 275 -3.17 -34.92 -10.13
N GLU B 276 -3.70 -36.07 -9.71
CA GLU B 276 -4.80 -36.75 -10.41
C GLU B 276 -6.13 -36.00 -10.30
N TRP B 277 -6.31 -35.25 -9.23
CA TRP B 277 -7.53 -34.45 -9.03
C TRP B 277 -7.60 -33.33 -10.06
N TYR B 278 -6.46 -32.64 -10.27
CA TYR B 278 -6.37 -31.57 -11.25
C TYR B 278 -6.39 -32.10 -12.69
N GLU B 279 -6.13 -33.38 -12.86
CA GLU B 279 -6.26 -34.04 -14.16
C GLU B 279 -7.72 -34.13 -14.58
N ARG B 280 -8.59 -34.45 -13.62
CA ARG B 280 -10.01 -34.65 -13.89
C ARG B 280 -10.86 -33.38 -13.80
N ASN B 281 -10.37 -32.40 -13.03
CA ASN B 281 -11.19 -31.24 -12.67
C ASN B 281 -10.65 -29.90 -13.17
N SER B 282 -10.00 -29.92 -14.33
CA SER B 282 -9.49 -28.69 -14.95
C SER B 282 -10.12 -28.43 -16.31
N GLY B 283 -11.26 -29.07 -16.56
CA GLY B 283 -12.03 -28.83 -17.77
C GLY B 283 -12.72 -27.48 -17.73
N PRO B 284 -12.95 -26.87 -18.90
CA PRO B 284 -13.65 -25.58 -18.98
C PRO B 284 -15.09 -25.66 -18.47
N ASP B 285 -15.71 -26.83 -18.57
CA ASP B 285 -17.09 -27.04 -18.11
C ASP B 285 -17.19 -27.55 -16.68
N SER B 286 -16.04 -27.83 -16.07
CA SER B 286 -15.97 -28.34 -14.69
C SER B 286 -16.64 -27.39 -13.68
N PRO B 287 -17.31 -27.95 -12.66
CA PRO B 287 -17.87 -27.14 -11.59
C PRO B 287 -16.79 -26.52 -10.69
N TYR B 288 -15.58 -27.06 -10.78
CA TYR B 288 -14.46 -26.63 -9.95
C TYR B 288 -13.65 -25.47 -10.57
N THR B 289 -14.21 -24.83 -11.60
CA THR B 289 -13.57 -23.67 -12.23
C THR B 289 -13.49 -22.48 -11.29
N GLY B 290 -14.37 -22.45 -10.29
CA GLY B 290 -14.36 -21.42 -9.26
C GLY B 290 -13.44 -21.76 -8.09
N LEU B 291 -12.88 -22.96 -8.11
CA LEU B 291 -11.97 -23.42 -7.06
C LEU B 291 -10.51 -23.27 -7.49
N TRP B 292 -9.68 -22.78 -6.58
CA TRP B 292 -8.25 -22.63 -6.83
C TRP B 292 -7.43 -23.00 -5.60
N SER B 293 -6.32 -23.71 -5.83
CA SER B 293 -5.41 -24.12 -4.77
C SER B 293 -3.98 -24.32 -5.27
N GLN B 294 -3.03 -23.75 -4.54
CA GLN B 294 -1.61 -24.00 -4.79
C GLN B 294 -1.01 -24.85 -3.67
N LEU B 295 -0.33 -25.93 -4.04
CA LEU B 295 0.33 -26.78 -3.05
C LEU B 295 1.75 -26.29 -2.82
N MET B 296 1.98 -25.70 -1.65
CA MET B 296 3.29 -25.18 -1.29
C MET B 296 4.07 -26.20 -0.47
N ILE B 297 5.02 -26.87 -1.11
CA ILE B 297 5.85 -27.88 -0.46
C ILE B 297 7.22 -27.27 -0.15
N GLY B 298 7.35 -26.69 1.04
CA GLY B 298 8.60 -26.07 1.46
C GLY B 298 8.97 -26.38 2.89
N ASN B 299 10.15 -25.91 3.31
CA ASN B 299 10.59 -26.03 4.70
C ASN B 299 10.06 -24.87 5.54
N GLU B 300 9.70 -25.16 6.78
CA GLU B 300 9.18 -24.13 7.68
C GLU B 300 10.30 -23.21 8.16
N VAL B 301 10.22 -21.95 7.74
CA VAL B 301 11.21 -20.94 8.13
C VAL B 301 10.79 -20.30 9.44
N PRO B 302 11.62 -20.48 10.50
CA PRO B 302 11.35 -20.05 11.88
C PRO B 302 10.49 -18.79 12.01
N GLY B 303 10.95 -17.69 11.42
CA GLY B 303 10.27 -16.41 11.56
C GLY B 303 9.88 -15.75 10.25
N MET B 304 9.06 -16.46 9.47
CA MET B 304 8.57 -15.94 8.19
C MET B 304 7.34 -16.71 7.72
N GLY B 305 6.20 -16.01 7.68
CA GLY B 305 4.94 -16.60 7.21
C GLY B 305 4.94 -16.86 5.72
N GLU B 306 3.87 -17.51 5.25
CA GLU B 306 3.72 -17.89 3.84
C GLU B 306 4.82 -18.86 3.37
N SER B 307 5.20 -19.78 4.25
CA SER B 307 6.22 -20.79 3.97
C SER B 307 5.93 -22.10 4.71
N GLY B 308 6.64 -23.16 4.33
CA GLY B 308 6.45 -24.47 4.95
C GLY B 308 5.62 -25.40 4.08
N PHE B 309 5.02 -26.41 4.71
CA PHE B 309 4.17 -27.35 3.99
C PHE B 309 2.70 -26.98 4.21
N MET B 310 2.15 -26.24 3.26
CA MET B 310 0.77 -25.75 3.34
C MET B 310 0.10 -25.71 1.97
N MET B 311 -1.24 -25.66 2.00
CA MET B 311 -2.03 -25.68 0.78
C MET B 311 -3.27 -24.78 0.91
N PRO B 312 -3.12 -23.49 0.56
CA PRO B 312 -4.26 -22.56 0.57
C PRO B 312 -5.27 -22.90 -0.53
N ILE B 313 -6.54 -23.05 -0.15
CA ILE B 313 -7.61 -23.35 -1.09
C ILE B 313 -8.71 -22.30 -0.97
N GLN B 314 -9.07 -21.69 -2.10
CA GLN B 314 -10.20 -20.77 -2.15
C GLN B 314 -11.22 -21.23 -3.19
N VAL B 315 -12.49 -20.95 -2.93
CA VAL B 315 -13.57 -21.33 -3.84
C VAL B 315 -14.65 -20.24 -3.91
N ASP B 316 -15.14 -20.00 -5.12
CA ASP B 316 -16.17 -19.00 -5.39
C ASP B 316 -17.44 -19.30 -4.57
N ALA B 317 -17.65 -18.50 -3.52
CA ALA B 317 -18.77 -18.70 -2.60
C ALA B 317 -20.10 -18.19 -3.16
N THR B 318 -20.08 -17.67 -4.39
CA THR B 318 -21.30 -17.25 -5.08
C THR B 318 -22.15 -18.47 -5.47
N ARG B 319 -21.48 -19.57 -5.78
CA ARG B 319 -22.13 -20.84 -6.12
C ARG B 319 -22.89 -21.41 -4.92
N PRO B 320 -24.03 -22.08 -5.16
CA PRO B 320 -24.89 -22.56 -4.07
C PRO B 320 -24.30 -23.71 -3.25
N ASP B 321 -23.30 -24.39 -3.80
CA ASP B 321 -22.68 -25.54 -3.12
C ASP B 321 -21.16 -25.38 -2.97
N ALA B 322 -20.74 -24.21 -2.50
CA ALA B 322 -19.33 -23.90 -2.31
C ALA B 322 -18.67 -24.77 -1.25
N ARG B 323 -19.41 -25.07 -0.18
CA ARG B 323 -18.88 -25.85 0.93
C ARG B 323 -18.78 -27.34 0.60
N ARG B 324 -19.75 -27.85 -0.16
CA ARG B 324 -19.72 -29.23 -0.61
C ARG B 324 -18.58 -29.49 -1.60
N LEU B 325 -18.29 -28.48 -2.44
CA LEU B 325 -17.19 -28.57 -3.39
C LEU B 325 -15.82 -28.46 -2.72
N LEU B 326 -15.74 -27.64 -1.67
CA LEU B 326 -14.50 -27.42 -0.94
C LEU B 326 -14.04 -28.70 -0.25
N ASP B 327 -14.94 -29.28 0.54
CA ASP B 327 -14.65 -30.49 1.31
C ASP B 327 -14.37 -31.69 0.40
N ALA B 328 -15.02 -31.71 -0.77
CA ALA B 328 -14.81 -32.75 -1.77
C ALA B 328 -13.40 -32.67 -2.37
N HIS B 329 -12.91 -31.46 -2.55
CA HIS B 329 -11.55 -31.24 -3.03
C HIS B 329 -10.52 -31.66 -1.99
N ILE B 330 -10.78 -31.31 -0.73
CA ILE B 330 -9.88 -31.63 0.38
C ILE B 330 -9.79 -33.14 0.59
N GLU B 331 -10.93 -33.80 0.80
CA GLU B 331 -10.97 -35.24 1.07
C GLU B 331 -10.25 -36.08 0.01
N ALA B 332 -10.26 -35.61 -1.24
CA ALA B 332 -9.60 -36.29 -2.35
C ALA B 332 -8.09 -36.10 -2.30
N VAL B 333 -7.65 -34.89 -1.96
CA VAL B 333 -6.23 -34.54 -1.87
C VAL B 333 -5.58 -35.17 -0.63
N ILE B 334 -6.26 -35.07 0.51
CA ILE B 334 -5.73 -35.56 1.79
C ILE B 334 -6.06 -37.04 2.08
N ASP B 335 -6.60 -37.72 1.08
CA ASP B 335 -6.99 -39.13 1.22
C ASP B 335 -5.80 -40.02 1.56
N GLY B 336 -5.86 -40.68 2.71
CA GLY B 336 -4.79 -41.55 3.19
C GLY B 336 -3.50 -40.82 3.49
N VAL B 337 -3.60 -39.55 3.88
CA VAL B 337 -2.45 -38.74 4.27
C VAL B 337 -2.58 -38.35 5.74
N PRO B 338 -1.97 -39.15 6.64
CA PRO B 338 -2.02 -38.95 8.09
C PRO B 338 -1.64 -37.54 8.62
N PRO B 339 -0.51 -36.96 8.15
CA PRO B 339 -0.13 -35.67 8.76
C PRO B 339 -0.84 -34.43 8.19
N ALA B 340 -1.98 -34.64 7.52
CA ALA B 340 -2.78 -33.54 6.99
C ALA B 340 -3.59 -32.87 8.10
N GLU B 341 -3.55 -31.54 8.13
CA GLU B 341 -4.23 -30.75 9.16
C GLU B 341 -5.22 -29.78 8.50
N VAL B 342 -6.50 -30.11 8.60
CA VAL B 342 -7.55 -29.30 7.97
C VAL B 342 -8.29 -28.44 8.99
N PRO B 343 -8.28 -27.11 8.79
CA PRO B 343 -9.01 -26.20 9.67
C PRO B 343 -10.44 -25.93 9.20
N GLU B 344 -11.20 -25.21 10.00
CA GLU B 344 -12.55 -24.78 9.63
C GLU B 344 -12.46 -23.70 8.56
N PRO B 345 -13.28 -23.83 7.49
CA PRO B 345 -13.27 -22.87 6.39
C PRO B 345 -13.84 -21.51 6.80
N ILE B 346 -13.09 -20.46 6.53
CA ILE B 346 -13.51 -19.09 6.84
C ILE B 346 -13.98 -18.39 5.57
N GLU B 347 -15.18 -17.82 5.63
CA GLU B 347 -15.72 -17.06 4.51
C GLU B 347 -15.34 -15.59 4.62
N GLN B 348 -14.63 -15.10 3.61
CA GLN B 348 -14.23 -13.70 3.57
C GLN B 348 -14.57 -13.05 2.21
N ARG B 349 -14.95 -11.78 2.26
CA ARG B 349 -15.37 -11.03 1.08
C ARG B 349 -14.18 -10.72 0.18
N TRP B 350 -14.48 -10.40 -1.08
CA TRP B 350 -13.44 -10.02 -2.04
C TRP B 350 -12.74 -8.75 -1.56
N LEU B 351 -11.41 -8.79 -1.56
CA LEU B 351 -10.56 -7.69 -1.07
C LEU B 351 -10.93 -7.24 0.34
N ALA B 352 -11.15 -8.20 1.22
CA ALA B 352 -11.45 -7.93 2.63
C ALA B 352 -10.24 -7.29 3.31
N SER B 353 -9.06 -7.83 3.02
CA SER B 353 -7.80 -7.29 3.53
C SER B 353 -6.65 -7.67 2.60
N THR B 354 -6.01 -6.66 2.02
CA THR B 354 -4.80 -6.85 1.22
C THR B 354 -3.65 -6.08 1.89
N PRO B 355 -2.92 -6.76 2.82
CA PRO B 355 -1.90 -6.11 3.64
C PRO B 355 -0.67 -5.63 2.85
N GLY B 356 -0.16 -6.48 1.96
CA GLY B 356 1.05 -6.18 1.19
C GLY B 356 2.30 -6.60 1.96
N ARG B 357 2.92 -7.69 1.50
CA ARG B 357 4.07 -8.28 2.18
C ARG B 357 5.38 -7.57 1.79
N GLY B 358 5.52 -6.31 2.23
CA GLY B 358 6.71 -5.50 1.98
C GLY B 358 6.92 -5.09 0.54
N GLY B 359 8.15 -4.65 0.23
CA GLY B 359 8.53 -4.24 -1.12
C GLY B 359 9.79 -4.95 -1.59
N ARG B 360 10.86 -4.83 -0.81
CA ARG B 360 12.11 -5.53 -1.08
C ARG B 360 12.16 -6.88 -0.37
N GLY B 361 12.01 -7.94 -1.15
CA GLY B 361 12.08 -9.31 -0.64
C GLY B 361 13.49 -9.85 -0.66
N PRO B 362 13.69 -11.07 -0.11
CA PRO B 362 15.01 -11.71 -0.08
C PRO B 362 15.48 -12.11 -1.48
N ALA B 363 16.77 -12.48 -1.57
CA ALA B 363 17.35 -12.95 -2.83
C ALA B 363 16.91 -14.39 -3.12
N SER B 364 16.25 -14.59 -4.25
CA SER B 364 15.69 -15.90 -4.61
C SER B 364 15.94 -16.29 -6.05
N LYS B 365 15.90 -17.58 -6.32
CA LYS B 365 15.99 -18.13 -7.67
C LYS B 365 14.88 -19.14 -7.87
N THR B 366 13.95 -18.81 -8.76
CA THR B 366 12.82 -19.69 -9.04
C THR B 366 12.83 -20.20 -10.49
N LYS B 367 12.70 -21.51 -10.63
CA LYS B 367 12.62 -22.16 -11.93
C LYS B 367 11.22 -22.74 -12.09
N ALA B 368 10.66 -22.62 -13.29
CA ALA B 368 9.25 -22.95 -13.50
C ALA B 368 9.02 -24.02 -14.56
N GLY B 369 7.78 -24.47 -14.66
CA GLY B 369 7.35 -25.45 -15.65
C GLY B 369 5.85 -25.62 -15.66
N TYR B 370 5.32 -26.04 -16.81
CA TYR B 370 3.91 -26.35 -16.94
C TYR B 370 3.66 -27.83 -16.70
N LEU B 371 2.42 -28.18 -16.35
CA LEU B 371 2.01 -29.57 -16.21
C LEU B 371 0.66 -29.80 -16.86
N ARG B 372 0.64 -30.65 -17.89
CA ARG B 372 -0.60 -31.06 -18.55
C ARG B 372 -1.23 -32.21 -17.78
N LYS B 373 -0.39 -33.08 -17.25
CA LYS B 373 -0.81 -34.21 -16.42
C LYS B 373 0.04 -34.21 -15.14
N ARG B 374 -0.28 -35.11 -14.21
CA ARG B 374 0.42 -35.17 -12.92
C ARG B 374 1.88 -35.61 -13.06
N LEU B 375 2.71 -35.17 -12.12
CA LEU B 375 4.10 -35.61 -12.04
C LEU B 375 4.16 -37.13 -11.91
N THR B 376 5.06 -37.75 -12.67
CA THR B 376 5.23 -39.20 -12.64
C THR B 376 5.83 -39.63 -11.30
N ASP B 377 5.69 -40.91 -10.98
CA ASP B 377 6.18 -41.46 -9.71
C ASP B 377 7.65 -41.16 -9.46
N ARG B 378 8.46 -41.25 -10.51
CA ARG B 378 9.90 -40.97 -10.42
C ARG B 378 10.21 -39.48 -10.26
N GLN B 379 9.30 -38.62 -10.72
CA GLN B 379 9.43 -37.18 -10.54
C GLN B 379 9.05 -36.74 -9.14
N ILE B 380 8.02 -37.39 -8.58
CA ILE B 380 7.63 -37.20 -7.18
C ILE B 380 8.76 -37.67 -6.26
N GLN B 381 9.33 -38.82 -6.61
CA GLN B 381 10.55 -39.35 -5.96
C GLN B 381 11.67 -38.32 -5.96
N ALA B 382 11.89 -37.70 -7.11
CA ALA B 382 12.92 -36.68 -7.27
C ALA B 382 12.68 -35.46 -6.38
N VAL B 383 11.42 -35.07 -6.25
CA VAL B 383 11.02 -33.95 -5.39
C VAL B 383 11.29 -34.29 -3.92
N TYR B 384 10.80 -35.44 -3.48
CA TYR B 384 10.98 -35.87 -2.09
C TYR B 384 12.46 -36.05 -1.72
N GLU B 385 13.24 -36.57 -2.65
CA GLU B 385 14.68 -36.74 -2.46
C GLU B 385 15.37 -35.41 -2.17
N ASN B 386 15.09 -34.41 -3.00
CA ASN B 386 15.72 -33.09 -2.85
C ASN B 386 15.13 -32.25 -1.73
N MET B 387 13.88 -32.55 -1.36
CA MET B 387 13.22 -31.86 -0.25
C MET B 387 13.64 -32.43 1.11
N THR B 388 14.21 -33.64 1.10
CA THR B 388 14.79 -34.24 2.29
C THR B 388 16.18 -33.68 2.52
N HIS B 389 17.01 -33.72 1.49
CA HIS B 389 18.41 -33.30 1.57
C HIS B 389 18.57 -31.84 1.14
N MET B 390 18.59 -30.93 2.11
CA MET B 390 18.75 -29.50 1.84
C MET B 390 19.56 -28.76 2.92
N ASP B 391 20.80 -29.22 3.12
CA ASP B 391 21.74 -28.61 4.06
C ASP B 391 22.15 -27.20 3.64
N GLY B 392 22.12 -26.27 4.59
CA GLY B 392 22.52 -24.89 4.36
C GLY B 392 21.45 -24.04 3.69
N ILE B 393 20.38 -24.70 3.24
CA ILE B 393 19.29 -24.03 2.54
C ILE B 393 18.37 -23.33 3.53
N ASP B 394 18.25 -22.01 3.38
CA ASP B 394 17.40 -21.19 4.23
C ASP B 394 15.92 -21.44 3.89
N TYR B 395 15.61 -21.35 2.60
CA TYR B 395 14.28 -21.66 2.09
C TYR B 395 14.37 -22.41 0.77
N GLY B 396 13.57 -23.47 0.65
CA GLY B 396 13.51 -24.27 -0.57
C GLY B 396 12.13 -24.90 -0.67
N ALA B 397 11.53 -24.81 -1.86
CA ALA B 397 10.15 -25.25 -2.05
C ALA B 397 9.85 -25.74 -3.46
N VAL B 398 8.76 -26.50 -3.58
CA VAL B 398 8.17 -26.85 -4.86
C VAL B 398 6.68 -26.47 -4.81
N TRP B 399 6.30 -25.50 -5.62
CA TRP B 399 4.94 -24.97 -5.63
C TRP B 399 4.15 -25.52 -6.81
N LEU B 400 2.96 -26.06 -6.53
CA LEU B 400 2.08 -26.57 -7.59
C LEU B 400 0.81 -25.74 -7.68
N ILE B 401 0.90 -24.64 -8.42
CA ILE B 401 -0.17 -23.65 -8.54
C ILE B 401 -1.29 -24.13 -9.46
N GLY B 402 -2.53 -24.03 -8.96
CA GLY B 402 -3.73 -24.42 -9.70
C GLY B 402 -3.93 -23.59 -10.96
N TYR B 403 -4.21 -24.27 -12.07
CA TYR B 403 -4.33 -23.63 -13.37
C TYR B 403 -5.36 -24.37 -14.25
N GLY B 404 -5.50 -23.93 -15.49
CA GLY B 404 -6.42 -24.56 -16.44
C GLY B 404 -7.80 -23.94 -16.44
N GLY B 405 -8.82 -24.80 -16.50
CA GLY B 405 -10.21 -24.35 -16.50
C GLY B 405 -10.56 -23.54 -17.72
N LYS B 406 -10.89 -22.26 -17.50
CA LYS B 406 -11.33 -21.38 -18.57
C LYS B 406 -10.18 -20.89 -19.46
N VAL B 407 -8.95 -21.07 -18.98
CA VAL B 407 -7.75 -20.77 -19.76
C VAL B 407 -7.69 -21.68 -21.00
N ASN B 408 -8.11 -22.93 -20.84
CA ASN B 408 -7.97 -23.94 -21.88
C ASN B 408 -8.96 -23.84 -23.05
N THR B 409 -9.86 -22.86 -22.99
CA THR B 409 -10.83 -22.64 -24.07
C THR B 409 -10.17 -22.04 -25.32
N VAL B 410 -9.19 -21.17 -25.11
CA VAL B 410 -8.50 -20.45 -26.17
C VAL B 410 -7.58 -21.37 -26.97
N ASP B 411 -7.46 -21.11 -28.27
CA ASP B 411 -6.51 -21.79 -29.14
C ASP B 411 -5.09 -21.36 -28.80
N PRO B 412 -4.13 -22.31 -28.81
CA PRO B 412 -2.72 -22.00 -28.58
C PRO B 412 -2.17 -20.85 -29.45
N ALA B 413 -2.58 -20.80 -30.71
CA ALA B 413 -2.08 -19.80 -31.66
C ALA B 413 -2.79 -18.45 -31.54
N ALA B 414 -4.02 -18.47 -31.01
CA ALA B 414 -4.85 -17.26 -30.88
C ALA B 414 -4.19 -16.17 -30.04
N THR B 415 -3.49 -16.58 -28.98
CA THR B 415 -2.72 -15.66 -28.15
C THR B 415 -1.25 -16.05 -28.17
N ALA B 416 -0.38 -15.21 -27.61
CA ALA B 416 1.06 -15.49 -27.56
C ALA B 416 1.42 -16.61 -26.58
N LEU B 417 0.48 -16.97 -25.70
CA LEU B 417 0.66 -18.10 -24.79
C LEU B 417 0.18 -19.40 -25.46
N PRO B 418 1.12 -20.32 -25.75
CA PRO B 418 0.78 -21.60 -26.38
C PRO B 418 0.14 -22.61 -25.45
N GLN B 419 0.48 -22.54 -24.16
CA GLN B 419 0.05 -23.53 -23.17
C GLN B 419 -1.41 -23.34 -22.76
N ARG B 420 -2.32 -23.84 -23.59
CA ARG B 420 -3.74 -23.78 -23.32
C ARG B 420 -4.27 -25.19 -23.06
N ASP B 421 -3.43 -25.99 -22.41
CA ASP B 421 -3.67 -27.41 -22.22
C ASP B 421 -3.36 -27.87 -20.79
N ALA B 422 -2.55 -27.07 -20.10
CA ALA B 422 -2.04 -27.41 -18.77
C ALA B 422 -3.11 -27.42 -17.67
N ILE B 423 -2.81 -28.11 -16.58
CA ILE B 423 -3.69 -28.23 -15.42
C ILE B 423 -3.07 -27.62 -14.15
N LEU B 424 -1.75 -27.51 -14.15
CA LEU B 424 -0.99 -26.95 -13.03
C LEU B 424 0.22 -26.17 -13.50
N LYS B 425 0.65 -25.21 -12.68
CA LYS B 425 1.91 -24.51 -12.89
C LYS B 425 2.87 -24.82 -11.75
N VAL B 426 3.93 -25.55 -12.07
CA VAL B 426 4.90 -25.96 -11.06
C VAL B 426 6.09 -25.00 -10.98
N ASN B 427 6.40 -24.56 -9.75
CA ASN B 427 7.54 -23.68 -9.50
C ASN B 427 8.55 -24.34 -8.56
N TYR B 428 9.83 -24.11 -8.84
CA TYR B 428 10.91 -24.66 -8.04
C TYR B 428 11.72 -23.51 -7.45
N ILE B 429 11.48 -23.25 -6.16
CA ILE B 429 11.95 -22.03 -5.51
C ILE B 429 13.00 -22.29 -4.43
N THR B 430 14.05 -21.48 -4.44
CA THR B 430 15.01 -21.43 -3.35
C THR B 430 15.14 -19.98 -2.86
N GLY B 431 15.60 -19.81 -1.62
CA GLY B 431 15.75 -18.49 -1.03
C GLY B 431 16.84 -18.42 0.02
N TRP B 432 17.66 -17.37 -0.06
CA TRP B 432 18.78 -17.17 0.86
C TRP B 432 18.83 -15.76 1.43
N ALA B 433 19.29 -15.66 2.68
CA ALA B 433 19.36 -14.40 3.40
C ALA B 433 20.72 -13.71 3.23
N ASN B 434 21.75 -14.51 3.01
CA ASN B 434 23.11 -14.01 2.85
C ASN B 434 23.59 -14.16 1.40
N PRO B 435 24.13 -13.07 0.81
CA PRO B 435 24.63 -13.08 -0.57
C PRO B 435 25.72 -14.12 -0.81
N GLY B 436 26.46 -14.46 0.25
CA GLY B 436 27.53 -15.46 0.18
C GLY B 436 27.02 -16.87 -0.05
N ASN B 437 25.85 -17.18 0.53
CA ASN B 437 25.26 -18.51 0.43
C ASN B 437 24.49 -18.76 -0.88
N GLU B 438 24.61 -17.83 -1.83
CA GLU B 438 23.91 -17.92 -3.12
C GLU B 438 24.27 -19.19 -3.90
N ALA B 439 25.57 -19.41 -4.10
CA ALA B 439 26.07 -20.54 -4.90
C ALA B 439 25.56 -21.88 -4.40
N LYS B 440 25.52 -22.05 -3.07
CA LYS B 440 25.00 -23.26 -2.43
C LYS B 440 23.52 -23.47 -2.79
N HIS B 441 22.73 -22.41 -2.68
CA HIS B 441 21.30 -22.45 -3.00
C HIS B 441 21.02 -22.71 -4.47
N LEU B 442 21.82 -22.09 -5.34
CA LEU B 442 21.70 -22.28 -6.78
C LEU B 442 21.92 -23.74 -7.17
N THR B 443 22.93 -24.38 -6.58
CA THR B 443 23.24 -25.78 -6.84
C THR B 443 22.05 -26.69 -6.52
N TRP B 444 21.43 -26.46 -5.36
CA TRP B 444 20.32 -27.28 -4.87
C TRP B 444 19.07 -27.18 -5.73
N VAL B 445 18.69 -25.96 -6.12
CA VAL B 445 17.49 -25.74 -6.91
C VAL B 445 17.67 -26.26 -8.35
N ARG B 446 18.90 -26.20 -8.84
CA ARG B 446 19.24 -26.72 -10.16
C ARG B 446 19.34 -28.24 -10.14
N LYS B 447 19.74 -28.78 -8.99
CA LYS B 447 19.75 -30.23 -8.77
C LYS B 447 18.31 -30.76 -8.77
N LEU B 448 17.43 -30.05 -8.07
CA LEU B 448 16.01 -30.37 -7.99
C LEU B 448 15.39 -30.38 -9.39
N TYR B 449 15.66 -29.32 -10.16
CA TYR B 449 15.12 -29.13 -11.49
C TYR B 449 15.62 -30.18 -12.49
N ALA B 450 16.92 -30.50 -12.40
CA ALA B 450 17.53 -31.50 -13.27
C ALA B 450 17.13 -32.93 -12.89
N ASP B 451 16.82 -33.15 -11.61
CA ASP B 451 16.37 -34.45 -11.15
C ASP B 451 14.94 -34.76 -11.61
N VAL B 452 14.06 -33.76 -11.52
CA VAL B 452 12.67 -33.93 -11.93
C VAL B 452 12.58 -34.15 -13.43
N TYR B 453 13.27 -33.31 -14.21
CA TYR B 453 13.20 -33.38 -15.67
C TYR B 453 14.37 -34.15 -16.30
N ALA B 454 14.90 -35.11 -15.54
CA ALA B 454 16.09 -35.88 -15.92
C ALA B 454 15.97 -36.62 -17.26
N GLU B 455 14.78 -37.12 -17.56
CA GLU B 455 14.51 -37.86 -18.80
C GLU B 455 14.56 -36.98 -20.04
N THR B 456 14.14 -35.72 -19.89
CA THR B 456 14.07 -34.78 -21.02
C THR B 456 15.10 -33.67 -20.93
N GLY B 457 16.36 -34.05 -20.70
CA GLY B 457 17.49 -33.14 -20.75
C GLY B 457 17.62 -32.13 -19.62
N GLY B 458 16.88 -32.34 -18.54
CA GLY B 458 16.92 -31.45 -17.38
C GLY B 458 16.01 -30.24 -17.50
N VAL B 459 15.13 -30.26 -18.50
CA VAL B 459 14.16 -29.19 -18.75
C VAL B 459 12.79 -29.76 -19.11
N PRO B 460 11.71 -28.98 -18.92
CA PRO B 460 10.37 -29.48 -19.20
C PRO B 460 10.01 -29.41 -20.70
N VAL B 461 10.72 -30.18 -21.52
CA VAL B 461 10.45 -30.28 -22.95
C VAL B 461 9.02 -30.76 -23.15
N PRO B 462 8.21 -30.00 -23.92
CA PRO B 462 6.82 -30.37 -24.23
C PRO B 462 6.65 -31.88 -24.38
N ASN B 463 5.84 -32.46 -23.51
CA ASN B 463 5.80 -33.90 -23.30
C ASN B 463 4.37 -34.41 -23.04
N ASP B 464 4.26 -35.65 -22.59
CA ASP B 464 3.00 -36.22 -22.12
C ASP B 464 2.58 -35.56 -20.81
N VAL B 465 3.56 -35.05 -20.08
CA VAL B 465 3.33 -34.43 -18.76
C VAL B 465 3.64 -32.94 -18.78
N SER B 466 4.86 -32.60 -19.18
CA SER B 466 5.34 -31.21 -19.17
C SER B 466 4.90 -30.45 -20.41
N ASP B 467 4.86 -29.13 -20.32
CA ASP B 467 4.53 -28.27 -21.45
C ASP B 467 5.30 -26.95 -21.42
N GLY B 468 6.63 -27.05 -21.34
CA GLY B 468 7.48 -25.88 -21.32
C GLY B 468 7.38 -25.07 -20.04
N ALA B 469 7.70 -23.78 -20.15
CA ALA B 469 7.71 -22.88 -18.99
C ALA B 469 6.88 -21.62 -19.23
N TYR B 470 6.71 -20.83 -18.17
CA TYR B 470 5.90 -19.61 -18.20
C TYR B 470 6.79 -18.38 -18.17
N ILE B 471 6.54 -17.44 -19.09
CA ILE B 471 7.44 -16.30 -19.32
C ILE B 471 7.51 -15.28 -18.19
N ASN B 472 6.41 -15.11 -17.43
CA ASN B 472 6.43 -14.23 -16.26
C ASN B 472 7.27 -14.78 -15.11
N TYR B 473 7.64 -16.06 -15.21
CA TYR B 473 8.69 -16.63 -14.38
C TYR B 473 9.90 -16.96 -15.26
N PRO B 474 10.68 -15.93 -15.67
CA PRO B 474 11.78 -16.19 -16.59
C PRO B 474 12.93 -16.94 -15.92
N ASP B 475 13.67 -17.72 -16.71
CA ASP B 475 14.75 -18.54 -16.20
C ASP B 475 15.90 -18.57 -17.20
N SER B 476 16.94 -17.78 -16.93
CA SER B 476 18.08 -17.62 -17.84
C SER B 476 18.96 -18.87 -17.91
N ASP B 477 18.70 -19.83 -17.03
CA ASP B 477 19.39 -21.12 -17.02
C ASP B 477 19.02 -21.97 -18.24
N LEU B 478 17.86 -21.70 -18.81
CA LEU B 478 17.38 -22.43 -19.99
C LEU B 478 18.10 -22.01 -21.27
N ALA B 479 18.65 -20.79 -21.27
CA ALA B 479 19.46 -20.31 -22.39
C ALA B 479 20.93 -20.71 -22.23
N ASP B 480 21.29 -21.12 -21.00
CA ASP B 480 22.63 -21.59 -20.70
C ASP B 480 22.77 -23.06 -21.11
N PRO B 481 23.75 -23.36 -21.98
CA PRO B 481 23.97 -24.73 -22.47
C PRO B 481 24.43 -25.70 -21.38
N GLY B 482 24.99 -25.17 -20.29
CA GLY B 482 25.43 -25.98 -19.16
C GLY B 482 24.28 -26.50 -18.32
N LEU B 483 23.31 -25.62 -18.03
CA LEU B 483 22.15 -25.97 -17.21
C LEU B 483 20.97 -26.48 -18.04
N ASN B 484 21.02 -26.24 -19.35
CA ASN B 484 20.06 -26.82 -20.29
C ASN B 484 20.78 -27.72 -21.28
N THR B 485 20.82 -29.01 -20.97
CA THR B 485 21.52 -29.99 -21.80
C THR B 485 20.56 -30.84 -22.64
N SER B 486 19.82 -30.16 -23.52
CA SER B 486 18.95 -30.80 -24.48
C SER B 486 18.92 -29.99 -25.77
N GLY B 487 18.64 -30.67 -26.89
CA GLY B 487 18.60 -30.01 -28.20
C GLY B 487 17.44 -29.06 -28.40
N VAL B 488 16.85 -28.62 -27.29
CA VAL B 488 15.74 -27.67 -27.32
C VAL B 488 16.19 -26.33 -26.72
N PRO B 489 16.10 -25.24 -27.51
CA PRO B 489 16.43 -23.90 -27.04
C PRO B 489 15.39 -23.34 -26.07
N TRP B 490 15.72 -22.22 -25.42
CA TRP B 490 14.87 -21.61 -24.39
C TRP B 490 13.50 -21.15 -24.91
N HIS B 491 13.48 -20.57 -26.11
CA HIS B 491 12.27 -19.97 -26.66
C HIS B 491 11.22 -20.98 -27.10
N ASP B 492 11.67 -22.19 -27.41
CA ASP B 492 10.76 -23.29 -27.76
C ASP B 492 10.02 -23.81 -26.53
N LEU B 493 10.61 -23.61 -25.35
CA LEU B 493 9.98 -23.97 -24.09
C LEU B 493 8.89 -22.98 -23.72
N TYR B 494 9.23 -21.69 -23.76
CA TYR B 494 8.31 -20.62 -23.39
C TYR B 494 7.19 -20.40 -24.40
N TYR B 495 7.58 -20.23 -25.66
CA TYR B 495 6.64 -19.79 -26.70
C TYR B 495 6.11 -20.91 -27.60
N LYS B 496 6.83 -22.03 -27.65
CA LYS B 496 6.48 -23.18 -28.48
C LYS B 496 6.28 -22.78 -29.94
N GLY B 497 5.11 -23.11 -30.49
CA GLY B 497 4.77 -22.82 -31.88
C GLY B 497 4.59 -21.35 -32.20
N ASN B 498 4.34 -20.54 -31.17
CA ASN B 498 4.12 -19.11 -31.33
C ASN B 498 5.41 -18.30 -31.53
N HIS B 499 6.56 -18.93 -31.30
CA HIS B 499 7.86 -18.24 -31.37
C HIS B 499 8.21 -17.64 -32.74
N PRO B 500 8.06 -18.43 -33.84
CA PRO B 500 8.33 -17.87 -35.18
C PRO B 500 7.58 -16.57 -35.45
N ARG B 501 6.29 -16.52 -35.09
CA ARG B 501 5.47 -15.32 -35.30
C ARG B 501 5.95 -14.14 -34.46
N LEU B 502 6.46 -14.42 -33.26
CA LEU B 502 6.98 -13.38 -32.36
C LEU B 502 8.27 -12.75 -32.89
N ARG B 503 9.10 -13.56 -33.56
CA ARG B 503 10.33 -13.08 -34.19
C ARG B 503 10.01 -12.12 -35.33
N LYS B 504 8.88 -12.37 -35.99
CA LYS B 504 8.40 -11.53 -37.08
C LYS B 504 7.96 -10.16 -36.56
N VAL B 505 7.21 -10.16 -35.45
CA VAL B 505 6.75 -8.93 -34.81
C VAL B 505 7.93 -8.16 -34.20
N LYS B 506 8.90 -8.90 -33.65
CA LYS B 506 10.12 -8.33 -33.10
C LYS B 506 10.93 -7.60 -34.17
N ALA B 507 11.03 -8.20 -35.35
CA ALA B 507 11.75 -7.60 -36.48
C ALA B 507 11.00 -6.41 -37.05
N ALA B 508 9.67 -6.48 -37.02
CA ALA B 508 8.82 -5.44 -37.60
C ALA B 508 8.73 -4.17 -36.76
N TYR B 509 8.87 -4.31 -35.45
CA TYR B 509 8.68 -3.17 -34.54
C TYR B 509 9.91 -2.81 -33.69
N ASP B 510 10.93 -3.66 -33.74
CA ASP B 510 12.22 -3.34 -33.12
C ASP B 510 13.38 -3.87 -33.98
N PRO B 511 13.58 -3.27 -35.18
CA PRO B 511 14.64 -3.71 -36.09
C PRO B 511 16.06 -3.47 -35.57
N ARG B 512 16.23 -2.47 -34.70
CA ARG B 512 17.54 -2.14 -34.14
C ARG B 512 17.87 -3.00 -32.91
N ASN B 513 16.87 -3.73 -32.42
CA ASN B 513 16.98 -4.50 -31.16
C ASN B 513 17.41 -3.58 -30.01
N HIS B 514 16.64 -2.52 -29.81
CA HIS B 514 16.92 -1.55 -28.76
C HIS B 514 16.47 -2.08 -27.40
N PHE B 515 15.41 -2.89 -27.42
CA PHE B 515 14.85 -3.47 -26.22
C PHE B 515 15.21 -4.95 -26.13
N HIS B 516 16.18 -5.26 -25.28
CA HIS B 516 16.69 -6.64 -25.16
C HIS B 516 17.23 -6.96 -23.76
N HIS B 517 17.19 -8.24 -23.42
CA HIS B 517 17.79 -8.77 -22.19
C HIS B 517 18.27 -10.20 -22.41
N ALA B 518 18.48 -10.93 -21.31
CA ALA B 518 19.00 -12.31 -21.35
C ALA B 518 18.07 -13.29 -22.09
N LEU B 519 16.77 -13.08 -21.94
CA LEU B 519 15.76 -13.94 -22.58
C LEU B 519 14.86 -13.14 -23.53
N SER B 520 15.46 -12.23 -24.29
CA SER B 520 14.73 -11.45 -25.28
C SER B 520 14.66 -12.17 -26.62
N ILE B 521 13.58 -11.93 -27.37
CA ILE B 521 13.37 -12.56 -28.67
C ILE B 521 14.37 -12.02 -29.70
N ARG B 522 15.16 -12.91 -30.27
CA ARG B 522 16.14 -12.56 -31.29
C ARG B 522 15.85 -13.21 -32.64
N PRO B 523 16.03 -12.46 -33.75
CA PRO B 523 15.78 -13.00 -35.09
C PRO B 523 17.02 -13.66 -35.68
#